data_6PF5
#
_entry.id   6PF5
#
_cell.length_a   85.155
_cell.length_b   85.134
_cell.length_c   175.744
_cell.angle_alpha   90.00
_cell.angle_beta   89.93
_cell.angle_gamma   90.00
#
_symmetry.space_group_name_H-M   'C 1 2 1'
#
loop_
_entity.id
_entity.type
_entity.pdbx_description
1 polymer 'Thymidylate synthase'
2 non-polymer "2'-DEOXYURIDINE 5'-MONOPHOSPHATE"
3 non-polymer '[2-({4-[(2-amino-4-oxo-4,7-dihydro-3H-pyrrolo[2,3-d]pyrimidin-5-yl)methyl]benzene-1-carbonyl}amino)-4-methoxyphenyl]acetic acid'
4 water water
#
_entity_poly.entity_id   1
_entity_poly.type   'polypeptide(L)'
_entity_poly.pdbx_seq_one_letter_code
;MPVAGSELQYLGQIQHILRCGVRKDDRTGTGTLSVFGMQARYSLRDEFPLLTTKRVFWKGVLEELLWFIKGSTNAKELSS
KGVKIWDANGSRDFLDSLGFSTREEGDLGPVYGFQWRHFGAEYRDMESDYSGQGVDQLQRVIDTIKTNPDDRRIIMCAWN
PRDLPLMALPPCHALCQFYVVNSELSCQLYQRSGDMGLGVPFNIASYALLTYMIAHITGLKPGDFIHTLGDAHIYLNHIE
PLKIQLQREPRPFPKLRILRKVEKIDDFKAEDFQIEGYNPHPTIKMEMAV
;
_entity_poly.pdbx_strand_id   A,B,C,D
#
# COMPACT_ATOMS: atom_id res chain seq x y z
N SER A 6 -8.28 1.13 -17.40
CA SER A 6 -9.53 0.94 -16.69
C SER A 6 -10.31 2.26 -16.62
N GLU A 7 -9.66 3.31 -16.14
CA GLU A 7 -10.28 4.64 -16.15
C GLU A 7 -10.43 5.16 -17.57
N LEU A 8 -9.67 4.62 -18.52
CA LEU A 8 -9.82 4.99 -19.92
C LEU A 8 -11.16 4.55 -20.49
N GLN A 9 -11.85 3.61 -19.85
CA GLN A 9 -13.16 3.21 -20.34
C GLN A 9 -14.21 4.27 -20.05
N TYR A 10 -14.15 4.89 -18.87
CA TYR A 10 -15.04 5.99 -18.58
C TYR A 10 -14.75 7.18 -19.48
N LEU A 11 -13.47 7.46 -19.71
CA LEU A 11 -13.11 8.57 -20.58
C LEU A 11 -13.46 8.28 -22.03
N GLY A 12 -13.33 7.01 -22.46
CA GLY A 12 -13.78 6.65 -23.79
C GLY A 12 -15.26 6.78 -23.98
N GLN A 13 -16.05 6.52 -22.93
CA GLN A 13 -17.49 6.73 -23.02
C GLN A 13 -17.83 8.22 -23.12
N ILE A 14 -17.11 9.06 -22.39
CA ILE A 14 -17.30 10.50 -22.51
C ILE A 14 -17.00 10.96 -23.92
N GLN A 15 -15.87 10.53 -24.47
CA GLN A 15 -15.47 10.93 -25.82
C GLN A 15 -16.51 10.47 -26.85
N HIS A 16 -17.10 9.29 -26.64
CA HIS A 16 -18.07 8.78 -27.61
C HIS A 16 -19.36 9.58 -27.58
N ILE A 17 -19.79 10.03 -26.40
CA ILE A 17 -21.03 10.79 -26.31
C ILE A 17 -20.86 12.17 -26.94
N LEU A 18 -19.73 12.83 -26.67
CA LEU A 18 -19.49 14.14 -27.26
C LEU A 18 -19.37 14.06 -28.78
N ARG A 19 -18.85 12.94 -29.29
CA ARG A 19 -18.65 12.80 -30.73
C ARG A 19 -19.87 12.26 -31.45
N CYS A 20 -20.56 11.27 -30.86
CA CYS A 20 -21.64 10.58 -31.54
C CYS A 20 -23.00 10.73 -30.87
N GLY A 21 -23.09 11.48 -29.77
CA GLY A 21 -24.37 11.64 -29.11
C GLY A 21 -25.34 12.48 -29.90
N VAL A 22 -26.61 12.34 -29.56
CA VAL A 22 -27.70 13.09 -30.19
C VAL A 22 -28.28 14.05 -29.17
N ARG A 23 -28.69 15.23 -29.63
CA ARG A 23 -29.37 16.17 -28.76
C ARG A 23 -30.69 15.59 -28.28
N LYS A 24 -31.02 15.84 -27.01
CA LYS A 24 -32.21 15.25 -26.42
C LYS A 24 -32.57 16.04 -25.18
N ASP A 25 -33.80 16.54 -25.12
CA ASP A 25 -34.29 17.22 -23.93
C ASP A 25 -34.63 16.20 -22.85
N ASP A 26 -34.93 16.69 -21.66
CA ASP A 26 -35.16 15.80 -20.52
C ASP A 26 -36.09 16.47 -19.52
N ARG A 27 -36.24 15.82 -18.36
CA ARG A 27 -37.15 16.28 -17.32
C ARG A 27 -36.87 17.72 -16.88
N THR A 28 -35.62 18.17 -17.02
CA THR A 28 -35.24 19.52 -16.64
C THR A 28 -35.22 20.42 -17.88
N GLY A 29 -34.98 21.71 -17.65
CA GLY A 29 -34.84 22.64 -18.76
C GLY A 29 -33.53 22.51 -19.51
N THR A 30 -32.50 21.98 -18.85
CA THR A 30 -31.23 21.73 -19.50
C THR A 30 -31.38 20.67 -20.58
N GLY A 31 -30.57 20.78 -21.64
CA GLY A 31 -30.49 19.76 -22.66
C GLY A 31 -29.38 18.76 -22.35
N THR A 32 -29.31 17.72 -23.19
CA THR A 32 -28.28 16.69 -23.06
C THR A 32 -27.81 16.24 -24.42
N LEU A 33 -26.63 15.64 -24.44
CA LEU A 33 -26.18 14.76 -25.51
C LEU A 33 -26.31 13.33 -25.00
N SER A 34 -27.13 12.53 -25.66
CA SER A 34 -27.54 11.23 -25.11
C SER A 34 -27.13 10.08 -26.01
N VAL A 35 -26.81 8.96 -25.38
CA VAL A 35 -26.55 7.68 -26.04
C VAL A 35 -27.25 6.59 -25.24
N PHE A 36 -27.92 5.67 -25.93
CA PHE A 36 -28.67 4.61 -25.28
C PHE A 36 -27.93 3.29 -25.41
N GLY A 37 -27.59 2.69 -24.27
CA GLY A 37 -26.96 1.37 -24.25
C GLY A 37 -25.45 1.41 -24.25
N MET A 38 -24.83 1.35 -23.07
CA MET A 38 -23.39 1.39 -22.93
C MET A 38 -22.97 0.42 -21.83
N GLN A 39 -21.71 0.00 -21.87
CA GLN A 39 -21.20 -0.94 -20.88
C GLN A 39 -19.70 -0.77 -20.71
N ALA A 40 -19.25 -0.77 -19.46
CA ALA A 40 -17.84 -0.68 -19.12
C ALA A 40 -17.54 -1.65 -17.99
N ARG A 41 -16.28 -2.10 -17.92
CA ARG A 41 -15.82 -3.09 -16.97
C ARG A 41 -14.65 -2.52 -16.20
N TYR A 42 -14.76 -2.47 -14.88
CA TYR A 42 -13.73 -1.90 -14.02
C TYR A 42 -13.17 -3.01 -13.12
N SER A 43 -11.85 -3.19 -13.18
CA SER A 43 -11.21 -4.22 -12.38
C SER A 43 -11.13 -3.81 -10.91
N LEU A 44 -11.55 -4.69 -10.03
CA LEU A 44 -11.46 -4.49 -8.59
C LEU A 44 -10.30 -5.25 -7.97
N ARG A 45 -9.42 -5.82 -8.78
CA ARG A 45 -8.36 -6.69 -8.29
C ARG A 45 -7.18 -5.85 -7.82
N ASP A 46 -6.98 -5.78 -6.50
CA ASP A 46 -5.88 -5.05 -5.89
C ASP A 46 -5.88 -3.58 -6.27
N GLU A 47 -7.06 -3.02 -6.55
CA GLU A 47 -7.21 -1.61 -6.85
C GLU A 47 -8.67 -1.22 -6.66
N PHE A 48 -8.91 0.08 -6.48
CA PHE A 48 -10.25 0.60 -6.26
C PHE A 48 -10.54 1.68 -7.29
N PRO A 49 -11.61 1.55 -8.08
CA PRO A 49 -11.87 2.52 -9.17
C PRO A 49 -12.45 3.84 -8.68
N LEU A 50 -11.59 4.64 -8.08
CA LEU A 50 -11.91 6.01 -7.68
C LEU A 50 -11.21 6.93 -8.69
N LEU A 51 -12.00 7.63 -9.49
CA LEU A 51 -11.45 8.34 -10.64
C LEU A 51 -10.37 9.33 -10.24
N THR A 52 -9.33 9.41 -11.08
CA THR A 52 -8.18 10.26 -10.81
C THR A 52 -8.13 11.50 -11.69
N THR A 53 -8.83 11.51 -12.84
CA THR A 53 -8.85 12.69 -13.69
C THR A 53 -9.64 13.84 -13.07
N LYS A 54 -10.34 13.59 -11.96
CA LYS A 54 -10.97 14.63 -11.15
C LYS A 54 -11.27 14.02 -9.79
N ARG A 55 -11.35 14.87 -8.77
CA ARG A 55 -11.63 14.38 -7.44
C ARG A 55 -13.07 13.90 -7.33
N VAL A 56 -13.26 12.75 -6.70
CA VAL A 56 -14.57 12.18 -6.46
C VAL A 56 -14.88 12.29 -4.96
N PHE A 57 -16.13 12.64 -4.65
CA PHE A 57 -16.58 12.85 -3.28
C PHE A 57 -16.61 11.51 -2.54
N TRP A 58 -15.42 11.06 -2.12
CA TRP A 58 -15.31 9.75 -1.47
C TRP A 58 -16.08 9.71 -0.15
N LYS A 59 -16.04 10.80 0.62
CA LYS A 59 -16.76 10.83 1.88
C LYS A 59 -18.25 10.61 1.68
N GLY A 60 -18.80 11.17 0.60
CA GLY A 60 -20.20 10.93 0.30
C GLY A 60 -20.49 9.51 -0.18
N VAL A 61 -19.55 8.90 -0.89
CA VAL A 61 -19.74 7.53 -1.35
C VAL A 61 -19.87 6.57 -0.18
N LEU A 62 -18.93 6.65 0.76
CA LEU A 62 -18.93 5.75 1.92
C LEU A 62 -20.15 5.99 2.79
N GLU A 63 -20.46 7.27 3.08
CA GLU A 63 -21.54 7.57 4.01
C GLU A 63 -22.90 7.22 3.41
N GLU A 64 -23.07 7.42 2.11
CA GLU A 64 -24.35 7.10 1.49
C GLU A 64 -24.61 5.59 1.45
N LEU A 65 -23.55 4.81 1.24
CA LEU A 65 -23.73 3.36 1.17
C LEU A 65 -24.07 2.80 2.54
N LEU A 66 -23.35 3.22 3.59
CA LEU A 66 -23.74 2.85 4.95
C LEU A 66 -25.15 3.31 5.26
N TRP A 67 -25.57 4.42 4.67
CA TRP A 67 -26.94 4.90 4.82
C TRP A 67 -27.92 3.98 4.10
N PHE A 68 -27.54 3.48 2.92
CA PHE A 68 -28.37 2.51 2.21
C PHE A 68 -28.47 1.21 3.00
N ILE A 69 -27.34 0.72 3.50
CA ILE A 69 -27.31 -0.60 4.15
C ILE A 69 -28.18 -0.60 5.40
N LYS A 70 -28.17 0.50 6.16
CA LYS A 70 -29.02 0.61 7.34
C LYS A 70 -30.51 0.66 7.00
N GLY A 71 -30.86 0.73 5.71
CA GLY A 71 -32.25 0.81 5.30
C GLY A 71 -32.91 2.15 5.52
N SER A 72 -32.15 3.20 5.82
CA SER A 72 -32.73 4.49 6.15
C SER A 72 -33.26 5.19 4.90
N THR A 73 -34.34 5.94 5.08
CA THR A 73 -34.90 6.80 4.05
C THR A 73 -34.95 8.26 4.50
N ASN A 74 -34.20 8.60 5.54
CA ASN A 74 -34.21 9.93 6.14
C ASN A 74 -33.01 10.72 5.63
N ALA A 75 -33.27 11.70 4.76
CA ALA A 75 -32.18 12.53 4.22
C ALA A 75 -31.46 13.29 5.32
N LYS A 76 -32.17 13.68 6.38
CA LYS A 76 -31.52 14.42 7.47
C LYS A 76 -30.51 13.56 8.20
N GLU A 77 -30.71 12.25 8.25
CA GLU A 77 -29.73 11.37 8.87
C GLU A 77 -28.45 11.30 8.05
N LEU A 78 -28.55 11.40 6.73
CA LEU A 78 -27.37 11.46 5.89
C LEU A 78 -26.77 12.86 5.88
N SER A 79 -27.61 13.89 5.93
CA SER A 79 -27.12 15.27 5.95
C SER A 79 -26.36 15.57 7.23
N SER A 80 -26.66 14.87 8.32
CA SER A 80 -25.96 15.10 9.58
C SER A 80 -24.52 14.59 9.55
N LYS A 81 -24.20 13.65 8.67
CA LYS A 81 -22.84 13.14 8.53
C LYS A 81 -22.00 13.99 7.59
N GLY A 82 -22.54 15.10 7.09
CA GLY A 82 -21.81 15.98 6.19
C GLY A 82 -22.11 15.78 4.73
N VAL A 83 -23.02 14.89 4.37
CA VAL A 83 -23.33 14.56 2.99
C VAL A 83 -24.73 15.09 2.70
N LYS A 84 -24.83 16.08 1.81
CA LYS A 84 -26.09 16.76 1.53
C LYS A 84 -26.58 16.48 0.11
N ILE A 85 -26.20 15.34 -0.46
CA ILE A 85 -26.53 15.05 -1.85
C ILE A 85 -28.03 14.81 -2.05
N TRP A 86 -28.79 14.52 -1.01
CA TRP A 86 -30.21 14.25 -1.13
C TRP A 86 -31.11 15.35 -0.56
N ASP A 87 -30.53 16.37 0.06
CA ASP A 87 -31.34 17.41 0.70
C ASP A 87 -32.25 18.13 -0.31
N ALA A 88 -31.82 18.24 -1.57
CA ALA A 88 -32.64 18.89 -2.57
C ALA A 88 -33.94 18.13 -2.81
N ASN A 89 -33.87 16.79 -2.82
CA ASN A 89 -35.06 15.97 -3.02
C ASN A 89 -35.84 15.72 -1.74
N GLY A 90 -35.42 16.30 -0.61
CA GLY A 90 -36.15 16.13 0.63
C GLY A 90 -36.55 17.43 1.28
N SER A 91 -36.42 18.54 0.56
CA SER A 91 -36.76 19.85 1.11
C SER A 91 -38.26 20.06 1.14
N ARG A 92 -38.75 20.69 2.21
CA ARG A 92 -40.17 20.95 2.39
C ARG A 92 -40.80 21.55 1.14
N ASP A 93 -40.12 22.51 0.51
CA ASP A 93 -40.65 23.14 -0.70
C ASP A 93 -40.65 22.20 -1.90
N PHE A 94 -39.94 21.09 -1.83
CA PHE A 94 -39.92 20.11 -2.91
C PHE A 94 -40.93 18.99 -2.72
N LEU A 95 -41.15 18.55 -1.48
CA LEU A 95 -42.19 17.57 -1.23
C LEU A 95 -43.56 18.13 -1.58
N ASP A 96 -43.81 19.39 -1.23
CA ASP A 96 -45.08 20.02 -1.57
C ASP A 96 -45.28 20.10 -3.08
N SER A 97 -44.21 20.36 -3.83
CA SER A 97 -44.33 20.49 -5.27
C SER A 97 -44.85 19.21 -5.91
N LEU A 98 -44.40 18.06 -5.43
CA LEU A 98 -44.87 16.78 -5.94
C LEU A 98 -46.08 16.25 -5.16
N GLY A 99 -46.69 17.09 -4.34
CA GLY A 99 -47.89 16.72 -3.63
C GLY A 99 -47.66 15.98 -2.33
N PHE A 100 -46.41 15.87 -1.87
CA PHE A 100 -46.12 15.14 -0.64
C PHE A 100 -46.28 16.05 0.57
N SER A 101 -47.51 16.54 0.74
CA SER A 101 -47.84 17.50 1.78
C SER A 101 -48.16 16.84 3.13
N THR A 102 -47.52 15.70 3.42
CA THR A 102 -47.71 15.04 4.70
C THR A 102 -46.42 14.55 5.35
N ARG A 103 -45.35 14.39 4.58
CA ARG A 103 -44.07 13.91 5.08
C ARG A 103 -43.26 15.05 5.69
N GLU A 104 -42.62 14.77 6.83
CA GLU A 104 -41.70 15.73 7.40
C GLU A 104 -40.48 15.87 6.49
N GLU A 105 -39.84 17.04 6.57
CA GLU A 105 -38.70 17.35 5.71
C GLU A 105 -37.61 16.29 5.84
N GLY A 106 -37.14 15.79 4.70
CA GLY A 106 -36.13 14.76 4.67
C GLY A 106 -36.63 13.34 4.50
N ASP A 107 -37.90 13.15 4.14
CA ASP A 107 -38.46 11.82 3.92
C ASP A 107 -38.54 11.59 2.42
N LEU A 108 -37.61 10.79 1.89
CA LEU A 108 -37.60 10.51 0.46
C LEU A 108 -38.62 9.47 0.05
N GLY A 109 -39.18 8.74 1.00
CA GLY A 109 -40.12 7.68 0.68
C GLY A 109 -39.43 6.33 0.55
N PRO A 110 -40.10 5.39 -0.09
CA PRO A 110 -39.50 4.05 -0.27
C PRO A 110 -38.42 4.06 -1.35
N VAL A 111 -37.18 4.30 -0.95
CA VAL A 111 -36.08 4.43 -1.89
C VAL A 111 -35.08 3.31 -1.67
N TYR A 112 -33.87 3.47 -2.21
CA TYR A 112 -32.86 2.41 -2.24
C TYR A 112 -32.75 1.64 -0.93
N GLY A 113 -32.59 2.37 0.18
CA GLY A 113 -32.43 1.70 1.47
C GLY A 113 -33.62 0.87 1.86
N PHE A 114 -34.83 1.35 1.55
CA PHE A 114 -36.03 0.60 1.89
C PHE A 114 -36.22 -0.60 0.97
N GLN A 115 -35.88 -0.44 -0.31
CA GLN A 115 -36.06 -1.54 -1.27
C GLN A 115 -35.04 -2.65 -1.05
N TRP A 116 -33.82 -2.30 -0.62
CA TRP A 116 -32.80 -3.33 -0.39
C TRP A 116 -33.15 -4.22 0.78
N ARG A 117 -33.88 -3.70 1.77
CA ARG A 117 -34.09 -4.39 3.03
C ARG A 117 -35.53 -4.81 3.29
N HIS A 118 -36.50 -4.19 2.63
CA HIS A 118 -37.90 -4.46 2.94
C HIS A 118 -38.74 -4.39 1.65
N PHE A 119 -38.29 -5.08 0.61
CA PHE A 119 -39.02 -5.06 -0.65
C PHE A 119 -40.40 -5.68 -0.47
N GLY A 120 -41.44 -4.93 -0.83
CA GLY A 120 -42.80 -5.37 -0.71
C GLY A 120 -43.52 -4.89 0.53
N ALA A 121 -42.78 -4.51 1.57
CA ALA A 121 -43.38 -4.01 2.79
C ALA A 121 -44.13 -2.70 2.53
N GLU A 122 -45.16 -2.46 3.33
CA GLU A 122 -45.95 -1.24 3.20
C GLU A 122 -45.20 -0.07 3.83
N TYR A 123 -44.90 0.95 3.03
CA TYR A 123 -44.14 2.08 3.51
C TYR A 123 -45.03 3.03 4.31
N ARG A 124 -44.61 3.33 5.53
CA ARG A 124 -45.32 4.29 6.38
C ARG A 124 -44.63 5.65 6.35
N ASP A 125 -43.57 5.79 7.14
CA ASP A 125 -42.79 7.02 7.18
C ASP A 125 -41.32 6.66 7.42
N MET A 126 -40.47 7.69 7.41
CA MET A 126 -39.03 7.51 7.56
C MET A 126 -38.61 7.14 8.97
N GLU A 127 -39.52 7.16 9.94
CA GLU A 127 -39.16 6.90 11.33
C GLU A 127 -39.59 5.51 11.81
N SER A 128 -40.23 4.71 10.97
CA SER A 128 -40.73 3.41 11.38
C SER A 128 -39.59 2.38 11.43
N ASP A 129 -39.81 1.33 12.22
CA ASP A 129 -38.90 0.20 12.31
C ASP A 129 -39.56 -0.98 11.60
N TYR A 130 -38.95 -1.42 10.50
CA TYR A 130 -39.51 -2.47 9.66
C TYR A 130 -38.80 -3.80 9.81
N SER A 131 -38.09 -4.01 10.92
CA SER A 131 -37.32 -5.23 11.10
C SER A 131 -38.25 -6.44 11.05
N GLY A 132 -37.97 -7.36 10.13
CA GLY A 132 -38.80 -8.54 9.93
C GLY A 132 -39.90 -8.40 8.90
N GLN A 133 -40.05 -7.23 8.29
CA GLN A 133 -41.06 -6.99 7.26
C GLN A 133 -40.42 -6.83 5.89
N GLY A 134 -41.09 -7.35 4.86
CA GLY A 134 -40.60 -7.28 3.50
C GLY A 134 -39.44 -8.23 3.25
N VAL A 135 -38.95 -8.19 2.01
CA VAL A 135 -37.87 -9.08 1.58
C VAL A 135 -36.54 -8.37 1.77
N ASP A 136 -35.63 -8.99 2.53
CA ASP A 136 -34.28 -8.47 2.74
C ASP A 136 -33.42 -8.98 1.60
N GLN A 137 -33.40 -8.23 0.49
CA GLN A 137 -32.64 -8.65 -0.68
C GLN A 137 -31.14 -8.66 -0.40
N LEU A 138 -30.66 -7.74 0.42
CA LEU A 138 -29.22 -7.64 0.66
C LEU A 138 -28.69 -8.84 1.41
N GLN A 139 -29.43 -9.32 2.41
CA GLN A 139 -28.94 -10.46 3.20
C GLN A 139 -29.07 -11.78 2.43
N ARG A 140 -30.16 -11.96 1.68
CA ARG A 140 -30.25 -13.17 0.85
C ARG A 140 -29.17 -13.21 -0.23
N VAL A 141 -28.78 -12.06 -0.76
CA VAL A 141 -27.66 -12.04 -1.70
C VAL A 141 -26.39 -12.54 -1.03
N ILE A 142 -26.18 -12.13 0.23
CA ILE A 142 -25.01 -12.60 0.97
C ILE A 142 -25.15 -14.08 1.29
N ASP A 143 -26.35 -14.53 1.67
CA ASP A 143 -26.56 -15.93 2.00
C ASP A 143 -26.34 -16.83 0.77
N THR A 144 -26.89 -16.44 -0.37
CA THR A 144 -26.77 -17.25 -1.57
C THR A 144 -25.32 -17.33 -2.06
N ILE A 145 -24.55 -16.27 -1.85
CA ILE A 145 -23.13 -16.30 -2.23
C ILE A 145 -22.37 -17.31 -1.37
N LYS A 146 -22.70 -17.37 -0.07
CA LYS A 146 -21.97 -18.26 0.83
C LYS A 146 -22.31 -19.73 0.57
N THR A 147 -23.57 -20.01 0.20
CA THR A 147 -24.02 -21.39 0.08
C THR A 147 -24.10 -21.91 -1.35
N ASN A 148 -24.28 -21.03 -2.34
CA ASN A 148 -24.45 -21.47 -3.73
C ASN A 148 -23.88 -20.39 -4.65
N PRO A 149 -22.55 -20.32 -4.77
CA PRO A 149 -21.96 -19.26 -5.60
C PRO A 149 -22.28 -19.37 -7.08
N ASP A 150 -22.53 -20.58 -7.57
CA ASP A 150 -22.85 -20.80 -8.98
C ASP A 150 -24.27 -20.37 -9.35
N ASP A 151 -25.07 -19.94 -8.38
CA ASP A 151 -26.43 -19.51 -8.66
C ASP A 151 -26.43 -18.31 -9.60
N ARG A 152 -27.27 -18.37 -10.64
CA ARG A 152 -27.35 -17.32 -11.65
C ARG A 152 -28.49 -16.35 -11.34
N ARG A 153 -28.86 -16.23 -10.08
CA ARG A 153 -30.04 -15.47 -9.68
C ARG A 153 -29.77 -14.53 -8.51
N ILE A 154 -28.49 -14.25 -8.24
CA ILE A 154 -28.10 -13.36 -7.15
C ILE A 154 -28.36 -11.93 -7.59
N ILE A 155 -29.59 -11.47 -7.41
CA ILE A 155 -30.06 -10.20 -7.95
C ILE A 155 -30.65 -9.37 -6.83
N MET A 156 -30.33 -8.08 -6.82
CA MET A 156 -30.96 -7.10 -5.93
C MET A 156 -31.60 -6.05 -6.80
N CYS A 157 -32.93 -5.94 -6.72
CA CYS A 157 -33.70 -5.05 -7.57
C CYS A 157 -34.36 -3.97 -6.72
N ALA A 158 -34.20 -2.72 -7.14
CA ALA A 158 -34.82 -1.59 -6.46
C ALA A 158 -36.03 -1.03 -7.21
N TRP A 159 -36.30 -1.53 -8.42
CA TRP A 159 -37.42 -1.02 -9.22
C TRP A 159 -38.70 -1.70 -8.78
N ASN A 160 -39.55 -0.96 -8.07
CA ASN A 160 -40.85 -1.48 -7.62
C ASN A 160 -41.94 -0.61 -8.22
N PRO A 161 -42.60 -1.06 -9.29
CA PRO A 161 -43.65 -0.24 -9.91
C PRO A 161 -44.75 0.17 -8.95
N ARG A 162 -44.99 -0.61 -7.89
CA ARG A 162 -46.00 -0.22 -6.92
C ARG A 162 -45.59 1.03 -6.15
N ASP A 163 -44.33 1.10 -5.72
CA ASP A 163 -43.84 2.20 -4.90
C ASP A 163 -43.32 3.39 -5.70
N LEU A 164 -43.35 3.32 -7.03
CA LEU A 164 -42.81 4.40 -7.85
C LEU A 164 -43.48 5.75 -7.57
N PRO A 165 -44.81 5.86 -7.54
CA PRO A 165 -45.41 7.19 -7.31
C PRO A 165 -45.11 7.78 -5.94
N LEU A 166 -44.68 6.97 -4.98
CA LEU A 166 -44.41 7.44 -3.62
C LEU A 166 -42.97 7.91 -3.42
N MET A 167 -42.13 7.83 -4.44
CA MET A 167 -40.73 8.21 -4.33
C MET A 167 -40.51 9.62 -4.85
N ALA A 168 -39.63 10.37 -4.18
CA ALA A 168 -39.26 11.69 -4.68
C ALA A 168 -38.49 11.58 -5.99
N LEU A 169 -37.65 10.56 -6.11
CA LEU A 169 -36.90 10.31 -7.33
C LEU A 169 -36.84 8.80 -7.48
N PRO A 170 -37.28 8.27 -8.62
CA PRO A 170 -37.23 6.84 -8.83
C PRO A 170 -35.79 6.36 -8.95
N PRO A 171 -35.52 5.09 -8.64
CA PRO A 171 -34.13 4.61 -8.62
C PRO A 171 -33.45 4.75 -9.97
N CYS A 172 -32.20 5.22 -9.94
CA CYS A 172 -31.36 5.25 -11.13
C CYS A 172 -30.56 3.95 -11.27
N HIS A 173 -29.92 3.51 -10.19
CA HIS A 173 -29.29 2.19 -10.17
C HIS A 173 -30.35 1.20 -9.72
N ALA A 174 -31.09 0.66 -10.68
CA ALA A 174 -32.34 -0.06 -10.44
C ALA A 174 -32.14 -1.55 -10.16
N LEU A 175 -31.11 -2.17 -10.72
CA LEU A 175 -30.91 -3.60 -10.58
C LEU A 175 -29.43 -3.91 -10.64
N CYS A 176 -28.99 -4.82 -9.76
CA CYS A 176 -27.61 -5.27 -9.75
C CYS A 176 -27.58 -6.77 -9.56
N GLN A 177 -26.54 -7.41 -10.11
CA GLN A 177 -26.39 -8.85 -10.05
C GLN A 177 -24.95 -9.20 -9.68
N PHE A 178 -24.79 -10.21 -8.85
CA PHE A 178 -23.48 -10.68 -8.43
C PHE A 178 -23.17 -12.04 -9.05
N TYR A 179 -21.88 -12.35 -9.11
CA TYR A 179 -21.36 -13.49 -9.86
C TYR A 179 -20.06 -13.93 -9.22
N VAL A 180 -19.88 -15.24 -9.08
CA VAL A 180 -18.71 -15.81 -8.42
C VAL A 180 -18.07 -16.84 -9.32
N VAL A 181 -16.75 -16.74 -9.48
CA VAL A 181 -15.97 -17.76 -10.19
C VAL A 181 -14.51 -17.60 -9.77
N ASN A 182 -13.85 -18.73 -9.56
CA ASN A 182 -12.45 -18.75 -9.10
C ASN A 182 -12.27 -17.92 -7.85
N SER A 183 -13.28 -17.95 -6.98
CA SER A 183 -13.27 -17.21 -5.72
C SER A 183 -13.18 -15.69 -5.93
N GLU A 184 -13.66 -15.21 -7.07
CA GLU A 184 -13.73 -13.79 -7.34
C GLU A 184 -15.19 -13.35 -7.39
N LEU A 185 -15.51 -12.28 -6.67
CA LEU A 185 -16.85 -11.72 -6.63
C LEU A 185 -16.94 -10.57 -7.62
N SER A 186 -17.86 -10.69 -8.59
CA SER A 186 -18.12 -9.63 -9.54
C SER A 186 -19.56 -9.13 -9.37
N CYS A 187 -19.78 -7.89 -9.82
CA CYS A 187 -21.08 -7.24 -9.71
C CYS A 187 -21.34 -6.47 -10.99
N GLN A 188 -22.55 -6.64 -11.54
CA GLN A 188 -23.00 -5.83 -12.67
C GLN A 188 -24.18 -4.99 -12.23
N LEU A 189 -24.13 -3.70 -12.54
CA LEU A 189 -25.19 -2.76 -12.22
C LEU A 189 -25.89 -2.34 -13.51
N TYR A 190 -27.23 -2.36 -13.50
CA TYR A 190 -28.01 -1.75 -14.57
C TYR A 190 -28.49 -0.39 -14.08
N GLN A 191 -28.01 0.67 -14.72
CA GLN A 191 -28.38 2.05 -14.40
C GLN A 191 -29.23 2.59 -15.53
N ARG A 192 -30.48 2.94 -15.21
CA ARG A 192 -31.40 3.41 -16.24
C ARG A 192 -31.03 4.79 -16.76
N SER A 193 -30.40 5.63 -15.94
CA SER A 193 -30.12 7.00 -16.32
C SER A 193 -28.79 7.41 -15.70
N GLY A 194 -27.85 7.83 -16.54
CA GLY A 194 -26.53 8.16 -16.06
C GLY A 194 -26.07 9.57 -16.37
N ASP A 195 -25.97 10.40 -15.34
CA ASP A 195 -25.33 11.72 -15.45
C ASP A 195 -23.83 11.50 -15.57
N MET A 196 -23.32 11.53 -16.80
CA MET A 196 -21.93 11.14 -17.04
C MET A 196 -20.94 12.09 -16.37
N GLY A 197 -21.33 13.34 -16.15
CA GLY A 197 -20.44 14.29 -15.52
C GLY A 197 -20.43 14.19 -14.01
N LEU A 198 -21.61 14.03 -13.42
CA LEU A 198 -21.77 14.11 -11.96
C LEU A 198 -22.00 12.74 -11.33
N GLY A 199 -23.11 12.07 -11.65
CA GLY A 199 -23.49 10.88 -10.90
C GLY A 199 -22.64 9.67 -11.21
N VAL A 200 -22.30 9.46 -12.48
CA VAL A 200 -21.67 8.20 -12.89
C VAL A 200 -20.37 7.91 -12.14
N PRO A 201 -19.42 8.85 -12.02
CA PRO A 201 -18.23 8.56 -11.19
C PRO A 201 -18.57 8.23 -9.76
N PHE A 202 -19.62 8.84 -9.20
CA PHE A 202 -20.07 8.51 -7.86
C PHE A 202 -20.61 7.08 -7.80
N ASN A 203 -21.47 6.72 -8.75
CA ASN A 203 -22.11 5.41 -8.72
C ASN A 203 -21.09 4.29 -8.90
N ILE A 204 -20.06 4.53 -9.72
CA ILE A 204 -19.00 3.54 -9.91
C ILE A 204 -18.31 3.23 -8.59
N ALA A 205 -17.94 4.28 -7.85
CA ALA A 205 -17.27 4.07 -6.57
C ALA A 205 -18.19 3.45 -5.53
N SER A 206 -19.49 3.75 -5.60
CA SER A 206 -20.43 3.22 -4.63
C SER A 206 -20.58 1.70 -4.76
N TYR A 207 -20.79 1.22 -5.98
CA TYR A 207 -20.99 -0.21 -6.19
C TYR A 207 -19.70 -1.00 -6.17
N ALA A 208 -18.56 -0.36 -6.47
CA ALA A 208 -17.28 -1.01 -6.21
C ALA A 208 -17.07 -1.18 -4.71
N LEU A 209 -17.51 -0.21 -3.92
CA LEU A 209 -17.41 -0.31 -2.47
C LEU A 209 -18.30 -1.42 -1.93
N LEU A 210 -19.53 -1.54 -2.44
CA LEU A 210 -20.42 -2.59 -1.98
C LEU A 210 -19.86 -3.97 -2.27
N THR A 211 -19.20 -4.12 -3.42
CA THR A 211 -18.59 -5.41 -3.75
C THR A 211 -17.44 -5.73 -2.79
N TYR A 212 -16.64 -4.72 -2.43
CA TYR A 212 -15.59 -4.92 -1.45
C TYR A 212 -16.18 -5.35 -0.11
N MET A 213 -17.31 -4.78 0.28
CA MET A 213 -17.94 -5.13 1.54
C MET A 213 -18.43 -6.57 1.53
N ILE A 214 -19.09 -6.98 0.45
CA ILE A 214 -19.66 -8.33 0.38
C ILE A 214 -18.56 -9.36 0.19
N ALA A 215 -17.53 -9.03 -0.59
CA ALA A 215 -16.39 -9.94 -0.73
C ALA A 215 -15.66 -10.14 0.58
N HIS A 216 -15.62 -9.10 1.43
CA HIS A 216 -14.98 -9.22 2.73
C HIS A 216 -15.74 -10.17 3.64
N ILE A 217 -17.07 -10.11 3.60
CA ILE A 217 -17.90 -10.94 4.48
C ILE A 217 -17.92 -12.38 3.99
N THR A 218 -18.02 -12.59 2.68
CA THR A 218 -18.16 -13.92 2.11
C THR A 218 -16.82 -14.62 1.88
N GLY A 219 -15.70 -13.97 2.23
CA GLY A 219 -14.40 -14.59 2.07
C GLY A 219 -13.89 -14.68 0.65
N LEU A 220 -14.39 -13.84 -0.25
CA LEU A 220 -13.99 -13.85 -1.65
C LEU A 220 -13.10 -12.66 -1.94
N LYS A 221 -12.48 -12.68 -3.12
CA LYS A 221 -11.69 -11.55 -3.56
C LYS A 221 -12.47 -10.72 -4.57
N PRO A 222 -12.36 -9.39 -4.52
CA PRO A 222 -13.09 -8.55 -5.48
C PRO A 222 -12.63 -8.82 -6.90
N GLY A 223 -13.61 -8.98 -7.80
CA GLY A 223 -13.32 -9.26 -9.19
C GLY A 223 -13.48 -8.07 -10.11
N ASP A 224 -14.61 -7.98 -10.80
CA ASP A 224 -14.91 -6.90 -11.71
C ASP A 224 -16.22 -6.22 -11.32
N PHE A 225 -16.34 -4.96 -11.72
CA PHE A 225 -17.61 -4.23 -11.70
C PHE A 225 -17.98 -3.93 -13.14
N ILE A 226 -19.15 -4.39 -13.56
CA ILE A 226 -19.67 -4.17 -14.91
C ILE A 226 -20.74 -3.09 -14.81
N HIS A 227 -20.48 -1.93 -15.40
CA HIS A 227 -21.40 -0.80 -15.37
C HIS A 227 -22.17 -0.78 -16.68
N THR A 228 -23.47 -1.07 -16.62
CA THR A 228 -24.34 -1.04 -17.78
C THR A 228 -25.30 0.13 -17.65
N LEU A 229 -25.40 0.93 -18.73
CA LEU A 229 -26.15 2.18 -18.72
C LEU A 229 -27.31 2.11 -19.70
N GLY A 230 -28.44 2.70 -19.32
CA GLY A 230 -29.52 2.97 -20.25
C GLY A 230 -29.32 4.27 -20.98
N ASP A 231 -29.85 5.37 -20.43
CA ASP A 231 -29.67 6.70 -21.00
C ASP A 231 -28.38 7.29 -20.43
N ALA A 232 -27.29 7.19 -21.18
CA ALA A 232 -26.03 7.81 -20.82
C ALA A 232 -25.99 9.18 -21.48
N HIS A 233 -26.08 10.23 -20.67
CA HIS A 233 -26.24 11.58 -21.18
C HIS A 233 -25.24 12.53 -20.55
N ILE A 234 -24.83 13.52 -21.35
CA ILE A 234 -23.98 14.61 -20.92
C ILE A 234 -24.79 15.89 -21.01
N TYR A 235 -25.01 16.54 -19.87
CA TYR A 235 -25.72 17.81 -19.87
C TYR A 235 -24.93 18.86 -20.63
N LEU A 236 -25.66 19.82 -21.22
CA LEU A 236 -25.01 20.81 -22.07
C LEU A 236 -24.02 21.66 -21.28
N ASN A 237 -24.36 22.00 -20.04
CA ASN A 237 -23.44 22.76 -19.19
C ASN A 237 -22.28 21.93 -18.66
N HIS A 238 -22.20 20.65 -19.03
CA HIS A 238 -21.07 19.81 -18.64
C HIS A 238 -20.11 19.52 -19.78
N ILE A 239 -20.44 19.95 -21.01
CA ILE A 239 -19.62 19.62 -22.16
C ILE A 239 -18.21 20.16 -21.99
N GLU A 240 -18.10 21.43 -21.61
CA GLU A 240 -16.79 22.06 -21.50
C GLU A 240 -16.02 21.59 -20.26
N PRO A 241 -16.66 21.45 -19.09
CA PRO A 241 -15.93 20.83 -17.96
C PRO A 241 -15.39 19.44 -18.26
N LEU A 242 -16.12 18.64 -19.06
CA LEU A 242 -15.63 17.32 -19.41
C LEU A 242 -14.54 17.34 -20.47
N LYS A 243 -14.48 18.41 -21.27
CA LYS A 243 -13.38 18.53 -22.22
C LYS A 243 -12.06 18.82 -21.51
N ILE A 244 -12.10 19.58 -20.41
CA ILE A 244 -10.92 19.77 -19.58
C ILE A 244 -10.44 18.44 -19.02
N GLN A 245 -11.36 17.69 -18.41
CA GLN A 245 -11.02 16.41 -17.82
C GLN A 245 -10.47 15.44 -18.87
N LEU A 246 -11.00 15.51 -20.08
CA LEU A 246 -10.57 14.61 -21.15
C LEU A 246 -9.13 14.85 -21.58
N GLN A 247 -8.53 15.97 -21.19
CA GLN A 247 -7.14 16.26 -21.50
C GLN A 247 -6.17 15.82 -20.41
N ARG A 248 -6.68 15.40 -19.26
CA ARG A 248 -5.82 15.03 -18.14
C ARG A 248 -5.40 13.57 -18.24
N GLU A 249 -4.13 13.32 -17.93
CA GLU A 249 -3.61 11.96 -18.00
C GLU A 249 -4.03 11.18 -16.76
N PRO A 250 -4.71 10.05 -16.90
CA PRO A 250 -5.15 9.31 -15.71
C PRO A 250 -3.96 8.79 -14.91
N ARG A 251 -4.11 8.80 -13.60
CA ARG A 251 -3.10 8.33 -12.67
C ARG A 251 -3.54 6.99 -12.08
N PRO A 252 -2.61 6.21 -11.50
CA PRO A 252 -2.98 4.91 -10.96
C PRO A 252 -4.09 5.03 -9.92
N PHE A 253 -5.00 4.05 -9.93
CA PHE A 253 -6.09 4.02 -8.98
C PHE A 253 -5.53 3.87 -7.56
N PRO A 254 -6.25 4.38 -6.56
CA PRO A 254 -5.85 4.11 -5.18
C PRO A 254 -6.17 2.69 -4.78
N LYS A 255 -5.98 2.35 -3.51
CA LYS A 255 -6.33 1.05 -2.98
C LYS A 255 -7.22 1.23 -1.76
N LEU A 256 -8.08 0.25 -1.52
CA LEU A 256 -9.00 0.25 -0.40
C LEU A 256 -8.62 -0.87 0.56
N ARG A 257 -8.38 -0.53 1.81
CA ARG A 257 -8.08 -1.49 2.87
C ARG A 257 -9.15 -1.43 3.94
N ILE A 258 -9.68 -2.58 4.31
CA ILE A 258 -10.63 -2.71 5.41
C ILE A 258 -9.83 -3.01 6.68
N LEU A 259 -10.06 -2.21 7.72
CA LEU A 259 -9.16 -2.21 8.86
C LEU A 259 -9.44 -3.31 9.87
N ARG A 260 -10.63 -3.90 9.87
CA ARG A 260 -10.92 -4.95 10.83
C ARG A 260 -11.83 -5.99 10.20
N LYS A 261 -11.74 -7.21 10.71
CA LYS A 261 -12.58 -8.31 10.23
C LYS A 261 -14.02 -8.10 10.69
N VAL A 262 -14.94 -7.99 9.74
CA VAL A 262 -16.34 -7.72 10.01
C VAL A 262 -17.15 -8.95 9.64
N GLU A 263 -18.12 -9.29 10.48
CA GLU A 263 -18.92 -10.50 10.32
C GLU A 263 -20.19 -10.25 9.53
N LYS A 264 -20.93 -9.20 9.86
CA LYS A 264 -22.20 -8.89 9.22
C LYS A 264 -22.09 -7.59 8.43
N ILE A 265 -22.95 -7.45 7.43
CA ILE A 265 -22.94 -6.25 6.60
C ILE A 265 -23.37 -5.03 7.42
N ASP A 266 -24.19 -5.23 8.45
CA ASP A 266 -24.66 -4.12 9.27
C ASP A 266 -23.60 -3.63 10.26
N ASP A 267 -22.54 -4.42 10.50
CA ASP A 267 -21.52 -4.05 11.46
C ASP A 267 -20.48 -3.10 10.88
N PHE A 268 -20.52 -2.82 9.59
CA PHE A 268 -19.53 -1.93 8.99
C PHE A 268 -19.71 -0.50 9.51
N LYS A 269 -18.61 0.11 9.92
CA LYS A 269 -18.57 1.51 10.30
C LYS A 269 -17.70 2.28 9.32
N ALA A 270 -17.87 3.61 9.31
CA ALA A 270 -17.11 4.44 8.37
C ALA A 270 -15.62 4.39 8.66
N GLU A 271 -15.24 4.19 9.92
CA GLU A 271 -13.82 4.15 10.28
C GLU A 271 -13.14 2.84 9.90
N ASP A 272 -13.91 1.84 9.45
CA ASP A 272 -13.35 0.56 9.04
C ASP A 272 -12.68 0.61 7.67
N PHE A 273 -12.78 1.73 6.96
CA PHE A 273 -12.29 1.84 5.60
C PHE A 273 -11.18 2.87 5.50
N GLN A 274 -10.27 2.66 4.56
CA GLN A 274 -9.11 3.53 4.41
C GLN A 274 -8.67 3.54 2.95
N ILE A 275 -8.75 4.71 2.34
CA ILE A 275 -8.27 4.91 0.97
C ILE A 275 -6.80 5.30 1.03
N GLU A 276 -5.98 4.65 0.20
CA GLU A 276 -4.54 4.87 0.21
C GLU A 276 -4.07 5.21 -1.20
N GLY A 277 -3.21 6.22 -1.30
CA GLY A 277 -2.62 6.59 -2.57
C GLY A 277 -3.56 7.27 -3.53
N TYR A 278 -4.56 8.00 -3.03
CA TYR A 278 -5.51 8.71 -3.89
C TYR A 278 -4.92 10.09 -4.18
N ASN A 279 -4.40 10.26 -5.40
CA ASN A 279 -3.79 11.51 -5.83
C ASN A 279 -4.52 12.00 -7.09
N PRO A 280 -5.74 12.51 -6.93
CA PRO A 280 -6.51 12.92 -8.10
C PRO A 280 -6.11 14.29 -8.61
N HIS A 281 -6.49 14.55 -9.86
CA HIS A 281 -6.40 15.89 -10.41
C HIS A 281 -7.39 16.80 -9.69
N PRO A 282 -7.24 18.13 -9.82
CA PRO A 282 -8.14 19.04 -9.10
C PRO A 282 -9.60 18.82 -9.43
N THR A 283 -10.45 19.24 -8.49
CA THR A 283 -11.89 19.18 -8.66
C THR A 283 -12.33 20.04 -9.85
N ILE A 284 -13.27 19.52 -10.63
CA ILE A 284 -13.89 20.24 -11.74
C ILE A 284 -15.35 20.47 -11.38
N LYS A 285 -15.75 21.73 -11.28
CA LYS A 285 -17.11 22.07 -10.88
C LYS A 285 -18.09 21.70 -11.97
N MET A 286 -19.15 20.97 -11.59
CA MET A 286 -20.19 20.55 -12.53
C MET A 286 -21.54 20.69 -11.81
N GLU A 287 -22.34 21.67 -12.22
CA GLU A 287 -23.60 21.94 -11.54
C GLU A 287 -24.58 20.79 -11.72
N MET A 288 -25.36 20.53 -10.68
CA MET A 288 -26.40 19.50 -10.74
C MET A 288 -27.66 20.04 -11.36
N ALA A 289 -28.16 19.37 -12.40
CA ALA A 289 -29.45 19.72 -12.97
C ALA A 289 -30.56 19.24 -12.04
N VAL A 290 -31.42 20.16 -11.61
CA VAL A 290 -32.48 19.84 -10.67
C VAL A 290 -33.81 19.67 -11.39
N SER B 6 11.81 44.02 28.39
CA SER B 6 10.73 43.90 27.42
C SER B 6 10.33 42.44 27.24
N GLU B 7 11.32 41.59 26.95
CA GLU B 7 11.06 40.16 26.88
C GLU B 7 10.73 39.60 28.25
N LEU B 8 11.10 40.30 29.32
CA LEU B 8 10.76 39.89 30.67
C LEU B 8 9.27 39.94 30.95
N GLN B 9 8.49 40.69 30.16
CA GLN B 9 7.05 40.69 30.37
C GLN B 9 6.41 39.40 29.88
N TYR B 10 6.88 38.88 28.74
CA TYR B 10 6.37 37.58 28.28
C TYR B 10 6.75 36.49 29.26
N LEU B 11 7.98 36.53 29.78
CA LEU B 11 8.42 35.52 30.74
C LEU B 11 7.71 35.70 32.08
N GLY B 12 7.43 36.94 32.48
CA GLY B 12 6.66 37.16 33.69
C GLY B 12 5.24 36.63 33.58
N GLN B 13 4.64 36.71 32.38
CA GLN B 13 3.32 36.13 32.18
C GLN B 13 3.37 34.62 32.27
N ILE B 14 4.41 33.99 31.71
CA ILE B 14 4.56 32.55 31.83
C ILE B 14 4.68 32.14 33.29
N GLN B 15 5.54 32.84 34.05
CA GLN B 15 5.72 32.50 35.45
C GLN B 15 4.42 32.65 36.24
N HIS B 16 3.61 33.66 35.90
CA HIS B 16 2.37 33.87 36.63
C HIS B 16 1.35 32.77 36.34
N ILE B 17 1.30 32.30 35.10
CA ILE B 17 0.34 31.25 34.76
C ILE B 17 0.70 29.93 35.42
N LEU B 18 1.99 29.58 35.40
CA LEU B 18 2.43 28.36 36.05
C LEU B 18 2.22 28.42 37.56
N ARG B 19 2.32 29.61 38.15
CA ARG B 19 2.19 29.76 39.60
C ARG B 19 0.75 29.97 40.04
N CYS B 20 -0.02 30.77 39.31
CA CYS B 20 -1.36 31.18 39.74
C CYS B 20 -2.46 30.70 38.81
N GLY B 21 -2.15 29.98 37.73
CA GLY B 21 -3.18 29.52 36.83
C GLY B 21 -4.05 28.43 37.44
N VAL B 22 -5.21 28.24 36.84
CA VAL B 22 -6.16 27.22 37.26
C VAL B 22 -6.26 26.17 36.16
N ARG B 23 -6.45 24.91 36.59
CA ARG B 23 -6.67 23.84 35.63
C ARG B 23 -7.96 24.08 34.86
N LYS B 24 -7.95 23.77 33.57
CA LYS B 24 -9.10 24.05 32.71
C LYS B 24 -8.98 23.21 31.46
N ASP B 25 -10.01 22.41 31.16
CA ASP B 25 -10.05 21.65 29.93
C ASP B 25 -10.44 22.58 28.77
N ASP B 26 -10.33 22.05 27.55
CA ASP B 26 -10.57 22.89 26.38
C ASP B 26 -11.04 22.01 25.22
N ARG B 27 -11.13 22.63 24.04
CA ARG B 27 -11.62 21.97 22.84
C ARG B 27 -10.81 20.72 22.50
N THR B 28 -9.55 20.66 22.91
CA THR B 28 -8.71 19.50 22.63
C THR B 28 -8.69 18.57 23.84
N GLY B 29 -8.04 17.42 23.68
CA GLY B 29 -7.92 16.50 24.79
C GLY B 29 -6.92 16.92 25.85
N THR B 30 -5.92 17.72 25.44
CA THR B 30 -4.96 18.25 26.40
C THR B 30 -5.65 19.22 27.36
N GLY B 31 -5.14 19.27 28.59
CA GLY B 31 -5.57 20.27 29.55
C GLY B 31 -4.71 21.51 29.47
N THR B 32 -5.09 22.51 30.26
CA THR B 32 -4.35 23.77 30.30
C THR B 32 -4.32 24.30 31.72
N LEU B 33 -3.34 25.16 31.98
CA LEU B 33 -3.36 26.10 33.10
C LEU B 33 -3.73 27.45 32.53
N SER B 34 -4.86 28.00 32.97
CA SER B 34 -5.46 29.15 32.31
C SER B 34 -5.55 30.34 33.24
N VAL B 35 -5.40 31.53 32.65
CA VAL B 35 -5.60 32.81 33.31
C VAL B 35 -6.35 33.71 32.33
N PHE B 36 -7.36 34.42 32.83
CA PHE B 36 -8.21 35.27 32.02
C PHE B 36 -7.86 36.73 32.26
N GLY B 37 -7.46 37.43 31.20
CA GLY B 37 -7.18 38.85 31.26
C GLY B 37 -5.75 39.22 31.57
N MET B 38 -4.95 39.48 30.52
CA MET B 38 -3.56 39.83 30.68
C MET B 38 -3.18 40.90 29.66
N GLN B 39 -2.10 41.62 29.95
CA GLN B 39 -1.65 42.69 29.07
C GLN B 39 -0.15 42.91 29.22
N ALA B 40 0.53 43.05 28.09
CA ALA B 40 1.96 43.32 28.05
C ALA B 40 2.24 44.38 27.00
N ARG B 41 3.34 45.12 27.19
CA ARG B 41 3.71 46.22 26.32
C ARG B 41 5.13 46.00 25.81
N TYR B 42 5.29 45.94 24.49
CA TYR B 42 6.58 45.68 23.87
C TYR B 42 7.01 46.90 23.08
N SER B 43 8.19 47.43 23.40
CA SER B 43 8.69 48.61 22.73
C SER B 43 9.18 48.26 21.33
N LEU B 44 8.71 49.03 20.34
CA LEU B 44 9.14 48.87 18.95
C LEU B 44 10.18 49.92 18.56
N ARG B 45 10.70 50.68 19.52
CA ARG B 45 11.58 51.80 19.22
C ARG B 45 13.00 51.29 19.03
N ASP B 46 13.47 51.31 17.78
CA ASP B 46 14.83 50.91 17.42
C ASP B 46 15.11 49.46 17.85
N GLU B 47 14.07 48.63 17.89
CA GLU B 47 14.22 47.22 18.19
C GLU B 47 12.97 46.49 17.70
N PHE B 48 13.11 45.17 17.52
CA PHE B 48 12.00 44.34 17.05
C PHE B 48 11.81 43.18 18.02
N PRO B 49 10.60 43.01 18.58
CA PRO B 49 10.38 41.98 19.62
C PRO B 49 10.27 40.56 19.07
N LEU B 50 11.43 40.02 18.68
CA LEU B 50 11.56 38.62 18.28
C LEU B 50 12.26 37.92 19.42
N LEU B 51 11.55 37.00 20.09
CA LEU B 51 12.03 36.43 21.34
C LEU B 51 13.39 35.76 21.17
N THR B 52 14.24 35.93 22.19
CA THR B 52 15.59 35.39 22.16
C THR B 52 15.77 34.17 23.06
N THR B 53 14.90 33.95 24.04
CA THR B 53 14.99 32.78 24.89
C THR B 53 14.67 31.49 24.15
N LYS B 54 14.15 31.58 22.92
CA LYS B 54 13.98 30.44 22.05
C LYS B 54 13.79 30.96 20.64
N ARG B 55 14.12 30.12 19.65
CA ARG B 55 13.99 30.53 18.26
C ARG B 55 12.52 30.68 17.89
N VAL B 56 12.21 31.77 17.19
CA VAL B 56 10.87 32.03 16.66
C VAL B 56 10.91 31.90 15.16
N PHE B 57 9.87 31.27 14.60
CA PHE B 57 9.77 31.00 13.15
C PHE B 57 9.56 32.32 12.40
N TRP B 58 10.66 33.06 12.22
CA TRP B 58 10.57 34.37 11.58
C TRP B 58 10.09 34.25 10.13
N LYS B 59 10.56 33.23 9.40
CA LYS B 59 10.15 33.06 8.02
C LYS B 59 8.64 32.87 7.93
N GLY B 60 8.05 32.14 8.89
CA GLY B 60 6.61 31.98 8.90
C GLY B 60 5.88 33.26 9.27
N VAL B 61 6.46 34.09 10.13
CA VAL B 61 5.83 35.35 10.51
C VAL B 61 5.71 36.26 9.30
N LEU B 62 6.83 36.47 8.59
CA LEU B 62 6.84 37.35 7.44
C LEU B 62 5.94 36.84 6.33
N GLU B 63 6.02 35.55 6.02
CA GLU B 63 5.27 35.01 4.89
C GLU B 63 3.77 34.99 5.17
N GLU B 64 3.38 34.73 6.42
CA GLU B 64 1.95 34.68 6.74
C GLU B 64 1.34 36.07 6.70
N LEU B 65 2.08 37.10 7.12
CA LEU B 65 1.55 38.46 7.12
C LEU B 65 1.37 38.97 5.69
N LEU B 66 2.38 38.76 4.84
CA LEU B 66 2.22 39.07 3.42
C LEU B 66 1.07 38.28 2.82
N TRP B 67 0.82 37.07 3.33
CA TRP B 67 -0.31 36.27 2.89
C TRP B 67 -1.63 36.88 3.36
N PHE B 68 -1.64 37.44 4.58
CA PHE B 68 -2.83 38.13 5.07
C PHE B 68 -3.11 39.39 4.25
N ILE B 69 -2.07 40.18 3.99
CA ILE B 69 -2.24 41.47 3.33
C ILE B 69 -2.79 41.29 1.92
N LYS B 70 -2.34 40.24 1.23
CA LYS B 70 -2.87 39.95 -0.10
C LYS B 70 -4.33 39.52 -0.07
N GLY B 71 -4.91 39.33 1.10
CA GLY B 71 -6.30 38.90 1.21
C GLY B 71 -6.52 37.44 0.90
N SER B 72 -5.46 36.64 0.82
CA SER B 72 -5.60 35.25 0.41
C SER B 72 -6.19 34.40 1.54
N THR B 73 -6.99 33.41 1.15
CA THR B 73 -7.50 32.41 2.06
C THR B 73 -7.10 31.00 1.63
N ASN B 74 -6.08 30.89 0.77
CA ASN B 74 -5.63 29.63 0.21
C ASN B 74 -4.40 29.17 0.98
N ALA B 75 -4.58 28.13 1.80
CA ALA B 75 -3.46 27.60 2.59
C ALA B 75 -2.35 27.05 1.69
N LYS B 76 -2.70 26.53 0.51
CA LYS B 76 -1.69 26.00 -0.38
C LYS B 76 -0.79 27.10 -0.93
N GLU B 77 -1.31 28.32 -1.07
CA GLU B 77 -0.47 29.43 -1.50
C GLU B 77 0.55 29.81 -0.44
N LEU B 78 0.20 29.65 0.84
CA LEU B 78 1.16 29.87 1.91
C LEU B 78 2.09 28.67 2.07
N SER B 79 1.57 27.46 1.86
CA SER B 79 2.40 26.27 1.98
C SER B 79 3.46 26.22 0.88
N SER B 80 3.21 26.86 -0.27
CA SER B 80 4.19 26.88 -1.35
C SER B 80 5.39 27.74 -1.02
N LYS B 81 5.25 28.69 -0.10
CA LYS B 81 6.37 29.53 0.33
C LYS B 81 7.18 28.90 1.45
N GLY B 82 6.87 27.67 1.84
CA GLY B 82 7.60 26.97 2.88
C GLY B 82 6.97 27.02 4.26
N VAL B 83 5.80 27.64 4.39
CA VAL B 83 5.14 27.81 5.68
C VAL B 83 3.90 26.93 5.69
N LYS B 84 3.89 25.92 6.55
CA LYS B 84 2.81 24.93 6.59
C LYS B 84 1.98 25.01 7.86
N ILE B 85 1.94 26.20 8.49
CA ILE B 85 1.25 26.33 9.77
C ILE B 85 -0.27 26.19 9.64
N TRP B 86 -0.82 26.35 8.44
CA TRP B 86 -2.26 26.25 8.23
C TRP B 86 -2.69 25.01 7.46
N ASP B 87 -1.74 24.20 6.98
CA ASP B 87 -2.09 23.03 6.16
C ASP B 87 -3.00 22.06 6.91
N ALA B 88 -2.85 21.97 8.23
CA ALA B 88 -3.71 21.06 9.00
C ALA B 88 -5.18 21.47 8.91
N ASN B 89 -5.46 22.76 8.96
CA ASN B 89 -6.83 23.25 8.90
C ASN B 89 -7.36 23.38 7.48
N GLY B 90 -6.58 22.98 6.47
CA GLY B 90 -7.04 23.03 5.11
C GLY B 90 -6.94 21.67 4.42
N SER B 91 -6.70 20.62 5.20
CA SER B 91 -6.56 19.29 4.65
C SER B 91 -7.91 18.71 4.28
N ARG B 92 -7.95 17.99 3.16
CA ARG B 92 -9.21 17.41 2.66
C ARG B 92 -9.98 16.67 3.76
N ASP B 93 -9.28 15.87 4.57
CA ASP B 93 -9.96 15.13 5.61
C ASP B 93 -10.46 16.03 6.75
N PHE B 94 -9.99 17.28 6.81
CA PHE B 94 -10.46 18.21 7.84
C PHE B 94 -11.62 19.05 7.35
N LEU B 95 -11.59 19.47 6.08
CA LEU B 95 -12.73 20.17 5.49
C LEU B 95 -13.96 19.28 5.45
N ASP B 96 -13.78 18.00 5.10
CA ASP B 96 -14.91 17.07 5.07
C ASP B 96 -15.51 16.89 6.45
N SER B 97 -14.68 16.84 7.49
CA SER B 97 -15.19 16.66 8.85
C SER B 97 -16.10 17.80 9.27
N LEU B 98 -15.77 19.03 8.87
CA LEU B 98 -16.58 20.20 9.18
C LEU B 98 -17.65 20.47 8.13
N GLY B 99 -17.87 19.54 7.21
CA GLY B 99 -18.94 19.65 6.23
C GLY B 99 -18.62 20.44 5.00
N PHE B 100 -17.37 20.85 4.80
CA PHE B 100 -17.01 21.67 3.64
C PHE B 100 -16.67 20.74 2.46
N SER B 101 -17.71 20.04 2.00
CA SER B 101 -17.52 19.02 0.97
C SER B 101 -17.43 19.59 -0.43
N THR B 102 -17.50 20.92 -0.58
CA THR B 102 -17.35 21.57 -1.87
C THR B 102 -16.06 22.35 -1.98
N ARG B 103 -15.40 22.65 -0.86
CA ARG B 103 -14.15 23.39 -0.88
C ARG B 103 -13.02 22.48 -1.33
N GLU B 104 -12.18 22.98 -2.23
CA GLU B 104 -10.97 22.28 -2.60
C GLU B 104 -9.98 22.33 -1.43
N GLU B 105 -9.09 21.34 -1.39
CA GLU B 105 -8.12 21.27 -0.30
C GLU B 105 -7.31 22.55 -0.23
N GLY B 106 -7.22 23.12 0.98
CA GLY B 106 -6.52 24.37 1.19
C GLY B 106 -7.37 25.61 1.20
N ASP B 107 -8.70 25.47 1.25
CA ASP B 107 -9.61 26.60 1.29
C ASP B 107 -10.08 26.75 2.74
N LEU B 108 -9.50 27.73 3.45
CA LEU B 108 -9.81 27.93 4.86
C LEU B 108 -11.14 28.67 5.07
N GLY B 109 -11.70 29.28 4.03
CA GLY B 109 -12.90 30.05 4.18
C GLY B 109 -12.61 31.52 4.42
N PRO B 110 -13.61 32.25 4.92
CA PRO B 110 -13.40 33.67 5.20
C PRO B 110 -12.61 33.92 6.47
N VAL B 111 -11.28 34.02 6.36
CA VAL B 111 -10.41 34.15 7.53
C VAL B 111 -9.74 35.51 7.50
N TYR B 112 -8.67 35.67 8.30
CA TYR B 112 -8.03 36.96 8.53
C TYR B 112 -7.84 37.77 7.27
N GLY B 113 -7.25 37.16 6.24
CA GLY B 113 -7.00 37.89 5.00
C GLY B 113 -8.25 38.41 4.34
N PHE B 114 -9.32 37.61 4.39
CA PHE B 114 -10.58 38.03 3.78
C PHE B 114 -11.26 39.13 4.60
N GLN B 115 -11.18 39.04 5.94
CA GLN B 115 -11.83 40.02 6.79
C GLN B 115 -11.11 41.36 6.76
N TRP B 116 -9.78 41.36 6.61
CA TRP B 116 -9.04 42.61 6.56
C TRP B 116 -9.36 43.43 5.33
N ARG B 117 -9.70 42.76 4.22
CA ARG B 117 -9.80 43.42 2.93
C ARG B 117 -11.21 43.47 2.35
N HIS B 118 -12.11 42.59 2.81
CA HIS B 118 -13.43 42.48 2.20
C HIS B 118 -14.47 42.16 3.27
N PHE B 119 -14.45 42.92 4.37
CA PHE B 119 -15.40 42.68 5.45
C PHE B 119 -16.82 42.92 4.97
N GLY B 120 -17.68 41.91 5.15
CA GLY B 120 -19.07 41.98 4.76
C GLY B 120 -19.38 41.34 3.42
N ALA B 121 -18.38 41.19 2.54
CA ALA B 121 -18.61 40.56 1.25
C ALA B 121 -19.02 39.10 1.42
N GLU B 122 -19.81 38.60 0.47
CA GLU B 122 -20.23 37.21 0.49
C GLU B 122 -19.09 36.33 -0.02
N TYR B 123 -18.64 35.39 0.81
CA TYR B 123 -17.50 34.55 0.46
C TYR B 123 -17.92 33.45 -0.50
N ARG B 124 -17.20 33.33 -1.61
CA ARG B 124 -17.44 32.27 -2.57
C ARG B 124 -16.44 31.14 -2.38
N ASP B 125 -15.23 31.30 -2.93
CA ASP B 125 -14.18 30.29 -2.77
C ASP B 125 -12.83 31.01 -2.70
N MET B 126 -11.77 30.24 -2.49
CA MET B 126 -10.43 30.77 -2.33
C MET B 126 -9.83 31.30 -3.63
N GLU B 127 -10.49 31.07 -4.77
CA GLU B 127 -9.95 31.48 -6.06
C GLU B 127 -10.66 32.70 -6.63
N SER B 128 -11.67 33.23 -5.94
CA SER B 128 -12.42 34.36 -6.44
C SER B 128 -11.64 35.66 -6.22
N ASP B 129 -11.95 36.66 -7.04
CA ASP B 129 -11.38 38.00 -6.91
C ASP B 129 -12.45 38.92 -6.36
N TYR B 130 -12.24 39.43 -5.14
CA TYR B 130 -13.22 40.26 -4.45
C TYR B 130 -12.83 41.74 -4.47
N SER B 131 -11.96 42.15 -5.39
CA SER B 131 -11.52 43.53 -5.44
C SER B 131 -12.70 44.46 -5.66
N GLY B 132 -12.89 45.40 -4.74
CA GLY B 132 -14.02 46.31 -4.80
C GLY B 132 -15.24 45.85 -4.03
N GLN B 133 -15.19 44.68 -3.40
CA GLN B 133 -16.30 44.15 -2.61
C GLN B 133 -15.92 44.16 -1.14
N GLY B 134 -16.90 44.50 -0.30
CA GLY B 134 -16.68 44.55 1.14
C GLY B 134 -15.86 45.76 1.56
N VAL B 135 -15.62 45.84 2.85
CA VAL B 135 -14.89 46.97 3.44
C VAL B 135 -13.42 46.59 3.55
N ASP B 136 -12.55 47.43 2.97
CA ASP B 136 -11.10 47.26 3.04
C ASP B 136 -10.63 47.93 4.32
N GLN B 137 -10.66 47.18 5.43
CA GLN B 137 -10.28 47.74 6.72
C GLN B 137 -8.82 48.14 6.77
N LEU B 138 -7.94 47.40 6.08
CA LEU B 138 -6.51 47.65 6.16
C LEU B 138 -6.15 48.98 5.51
N GLN B 139 -6.73 49.28 4.35
CA GLN B 139 -6.39 50.53 3.66
C GLN B 139 -7.05 51.73 4.32
N ARG B 140 -8.28 51.58 4.81
CA ARG B 140 -8.94 52.68 5.51
C ARG B 140 -8.19 53.03 6.79
N VAL B 141 -7.60 52.03 7.45
CA VAL B 141 -6.75 52.29 8.61
C VAL B 141 -5.53 53.12 8.20
N ILE B 142 -4.93 52.79 7.05
CA ILE B 142 -3.78 53.55 6.57
C ILE B 142 -4.21 54.96 6.17
N ASP B 143 -5.38 55.09 5.55
CA ASP B 143 -5.85 56.42 5.15
C ASP B 143 -6.12 57.30 6.35
N THR B 144 -6.79 56.76 7.37
CA THR B 144 -7.12 57.55 8.55
C THR B 144 -5.87 57.98 9.31
N ILE B 145 -4.82 57.16 9.31
CA ILE B 145 -3.59 57.54 9.97
C ILE B 145 -2.93 58.73 9.27
N LYS B 146 -2.98 58.74 7.93
CA LYS B 146 -2.34 59.83 7.18
C LYS B 146 -3.08 61.14 7.33
N THR B 147 -4.41 61.11 7.41
CA THR B 147 -5.22 62.31 7.40
C THR B 147 -5.72 62.75 8.77
N ASN B 148 -5.87 61.82 9.71
CA ASN B 148 -6.44 62.14 11.03
C ASN B 148 -5.82 61.23 12.07
N PRO B 149 -4.56 61.51 12.45
CA PRO B 149 -3.88 60.61 13.41
C PRO B 149 -4.51 60.58 14.78
N ASP B 150 -5.17 61.66 15.21
CA ASP B 150 -5.80 61.73 16.52
C ASP B 150 -7.10 60.95 16.59
N ASP B 151 -7.54 60.34 15.49
CA ASP B 151 -8.77 59.57 15.50
C ASP B 151 -8.66 58.39 16.46
N ARG B 152 -9.68 58.24 17.31
CA ARG B 152 -9.72 57.18 18.31
C ARG B 152 -10.56 55.99 17.84
N ARG B 153 -10.63 55.79 16.53
CA ARG B 153 -11.48 54.76 15.94
C ARG B 153 -10.72 53.95 14.88
N ILE B 154 -9.39 54.01 14.89
CA ILE B 154 -8.57 53.30 13.92
C ILE B 154 -8.51 51.83 14.32
N ILE B 155 -9.51 51.07 13.90
CA ILE B 155 -9.71 49.69 14.36
C ILE B 155 -9.84 48.78 13.15
N MET B 156 -9.19 47.64 13.22
CA MET B 156 -9.35 46.56 12.24
C MET B 156 -9.86 45.35 13.00
N CYS B 157 -11.07 44.90 12.66
CA CYS B 157 -11.73 43.81 13.37
C CYS B 157 -11.91 42.62 12.44
N ALA B 158 -11.53 41.44 12.92
CA ALA B 158 -11.70 40.20 12.17
C ALA B 158 -12.86 39.36 12.67
N TRP B 159 -13.49 39.73 13.77
CA TRP B 159 -14.59 38.95 14.33
C TRP B 159 -15.87 39.30 13.61
N ASN B 160 -16.35 38.40 12.75
CA ASN B 160 -17.60 38.58 12.01
C ASN B 160 -18.53 37.44 12.38
N PRO B 161 -19.52 37.67 13.26
CA PRO B 161 -20.43 36.59 13.63
C PRO B 161 -21.17 35.99 12.44
N ARG B 162 -21.36 36.74 11.36
CA ARG B 162 -22.02 36.18 10.18
C ARG B 162 -21.16 35.10 9.52
N ASP B 163 -19.86 35.35 9.39
CA ASP B 163 -18.95 34.45 8.69
C ASP B 163 -18.34 33.40 9.61
N LEU B 164 -18.66 33.41 10.91
CA LEU B 164 -18.05 32.45 11.83
C LEU B 164 -18.30 30.99 11.44
N PRO B 165 -19.52 30.55 11.12
CA PRO B 165 -19.71 29.12 10.81
C PRO B 165 -18.97 28.67 9.56
N LEU B 166 -18.54 29.58 8.70
CA LEU B 166 -17.85 29.22 7.46
C LEU B 166 -16.34 29.14 7.62
N MET B 167 -15.80 29.38 8.82
CA MET B 167 -14.37 29.39 9.04
C MET B 167 -13.92 28.05 9.63
N ALA B 168 -12.76 27.59 9.19
CA ALA B 168 -12.17 26.39 9.79
C ALA B 168 -11.78 26.64 11.24
N LEU B 169 -11.30 27.85 11.54
CA LEU B 169 -10.91 28.24 12.88
C LEU B 169 -11.30 29.70 13.04
N PRO B 170 -12.06 30.04 14.09
CA PRO B 170 -12.43 31.43 14.30
C PRO B 170 -11.22 32.25 14.66
N PRO B 171 -11.23 33.55 14.37
CA PRO B 171 -10.02 34.37 14.58
C PRO B 171 -9.58 34.37 16.05
N CYS B 172 -8.27 34.22 16.26
CA CYS B 172 -7.70 34.36 17.58
C CYS B 172 -7.28 35.81 17.86
N HIS B 173 -6.56 36.43 16.92
CA HIS B 173 -6.28 37.86 17.02
C HIS B 173 -7.45 38.56 16.34
N ALA B 174 -8.47 38.87 17.14
CA ALA B 174 -9.78 39.26 16.63
C ALA B 174 -9.92 40.74 16.35
N LEU B 175 -9.21 41.60 17.08
CA LEU B 175 -9.39 43.03 16.94
C LEU B 175 -8.08 43.72 17.28
N CYS B 176 -7.72 44.74 16.50
CA CYS B 176 -6.53 45.53 16.75
C CYS B 176 -6.86 47.01 16.54
N GLN B 177 -6.15 47.86 17.27
CA GLN B 177 -6.36 49.29 17.22
C GLN B 177 -5.01 50.00 17.13
N PHE B 178 -4.96 51.06 16.33
CA PHE B 178 -3.76 51.86 16.16
C PHE B 178 -3.93 53.23 16.81
N TYR B 179 -2.80 53.85 17.11
CA TYR B 179 -2.76 55.06 17.93
C TYR B 179 -1.51 55.84 17.56
N VAL B 180 -1.66 57.16 17.43
CA VAL B 180 -0.58 58.03 16.99
C VAL B 180 -0.41 59.17 17.98
N VAL B 181 0.82 59.40 18.42
CA VAL B 181 1.16 60.55 19.24
C VAL B 181 2.67 60.78 19.12
N ASN B 182 3.05 62.06 19.04
CA ASN B 182 4.45 62.45 18.86
C ASN B 182 5.06 61.74 17.65
N SER B 183 4.24 61.54 16.62
CA SER B 183 4.65 60.86 15.39
C SER B 183 5.10 59.43 15.65
N GLU B 184 4.59 58.80 16.70
CA GLU B 184 4.85 57.40 17.01
C GLU B 184 3.58 56.58 16.77
N LEU B 185 3.72 55.48 16.03
CA LEU B 185 2.60 54.59 15.74
C LEU B 185 2.62 53.42 16.72
N SER B 186 1.53 53.27 17.48
CA SER B 186 1.35 52.17 18.39
C SER B 186 0.17 51.31 17.94
N CYS B 187 0.18 50.06 18.37
CA CYS B 187 -0.85 49.09 18.01
C CYS B 187 -1.17 48.24 19.23
N GLN B 188 -2.47 48.07 19.51
CA GLN B 188 -2.93 47.15 20.54
C GLN B 188 -3.72 46.03 19.89
N LEU B 189 -3.41 44.80 20.26
CA LEU B 189 -4.12 43.63 19.77
C LEU B 189 -4.94 43.02 20.90
N TYR B 190 -6.20 42.72 20.63
CA TYR B 190 -7.01 41.91 21.53
C TYR B 190 -7.01 40.48 21.00
N GLN B 191 -6.42 39.56 21.75
CA GLN B 191 -6.36 38.15 21.39
C GLN B 191 -7.26 37.38 22.34
N ARG B 192 -8.29 36.73 21.78
CA ARG B 192 -9.25 36.02 22.60
C ARG B 192 -8.67 34.76 23.24
N SER B 193 -7.68 34.15 22.58
CA SER B 193 -7.14 32.87 23.06
C SER B 193 -5.65 32.84 22.75
N GLY B 194 -4.83 32.62 23.77
CA GLY B 194 -3.40 32.65 23.59
C GLY B 194 -2.68 31.38 24.02
N ASP B 195 -2.17 30.63 23.05
CA ASP B 195 -1.26 29.52 23.30
C ASP B 195 0.08 30.11 23.72
N MET B 196 0.32 30.17 25.03
CA MET B 196 1.49 30.89 25.53
C MET B 196 2.79 30.26 25.10
N GLY B 197 2.79 28.95 24.85
CA GLY B 197 3.99 28.27 24.44
C GLY B 197 4.29 28.39 22.95
N LEU B 198 3.25 28.28 22.12
CA LEU B 198 3.43 28.21 20.67
C LEU B 198 3.00 29.48 19.95
N GLY B 199 1.71 29.83 20.02
CA GLY B 199 1.20 30.89 19.18
C GLY B 199 1.63 32.29 19.62
N VAL B 200 1.63 32.55 20.93
CA VAL B 200 1.81 33.92 21.42
C VAL B 200 3.12 34.54 20.94
N PRO B 201 4.29 33.89 21.06
CA PRO B 201 5.51 34.49 20.49
C PRO B 201 5.40 34.77 19.00
N PHE B 202 4.68 33.92 18.27
CA PHE B 202 4.45 34.16 16.84
C PHE B 202 3.59 35.41 16.63
N ASN B 203 2.48 35.52 17.37
CA ASN B 203 1.56 36.62 17.17
C ASN B 203 2.21 37.96 17.52
N ILE B 204 3.06 37.97 18.54
CA ILE B 204 3.79 39.20 18.89
C ILE B 204 4.62 39.68 17.72
N ALA B 205 5.35 38.76 17.08
CA ALA B 205 6.20 39.14 15.95
C ALA B 205 5.37 39.57 14.74
N SER B 206 4.18 38.99 14.58
CA SER B 206 3.34 39.32 13.42
C SER B 206 2.83 40.75 13.50
N TYR B 207 2.28 41.14 14.64
CA TYR B 207 1.70 42.47 14.78
C TYR B 207 2.74 43.55 15.01
N ALA B 208 3.91 43.19 15.55
CA ALA B 208 5.02 44.14 15.54
C ALA B 208 5.48 44.40 14.12
N LEU B 209 5.47 43.36 13.28
CA LEU B 209 5.84 43.52 11.88
C LEU B 209 4.80 44.38 11.15
N LEU B 210 3.51 44.16 11.42
CA LEU B 210 2.48 44.95 10.77
C LEU B 210 2.60 46.42 11.14
N THR B 211 2.96 46.71 12.39
CA THR B 211 3.15 48.10 12.80
C THR B 211 4.34 48.74 12.08
N TYR B 212 5.42 47.99 11.91
CA TYR B 212 6.57 48.49 11.16
C TYR B 212 6.18 48.79 9.71
N MET B 213 5.34 47.94 9.12
CA MET B 213 4.92 48.14 7.73
C MET B 213 4.08 49.41 7.60
N ILE B 214 3.12 49.60 8.51
CA ILE B 214 2.22 50.74 8.40
C ILE B 214 2.95 52.03 8.77
N ALA B 215 3.84 51.97 9.77
CA ALA B 215 4.64 53.14 10.13
C ALA B 215 5.57 53.55 8.99
N HIS B 216 6.07 52.58 8.23
CA HIS B 216 6.94 52.88 7.09
C HIS B 216 6.16 53.60 6.00
N ILE B 217 4.91 53.19 5.77
CA ILE B 217 4.10 53.78 4.70
C ILE B 217 3.63 55.18 5.09
N THR B 218 3.21 55.34 6.34
CA THR B 218 2.64 56.60 6.82
C THR B 218 3.69 57.59 7.29
N GLY B 219 4.97 57.26 7.21
CA GLY B 219 6.02 58.17 7.60
C GLY B 219 6.18 58.36 9.09
N LEU B 220 5.73 57.39 9.89
CA LEU B 220 5.82 57.48 11.34
C LEU B 220 6.90 56.54 11.86
N LYS B 221 7.23 56.71 13.14
CA LYS B 221 8.17 55.80 13.78
C LYS B 221 7.43 54.78 14.65
N PRO B 222 7.88 53.53 14.65
CA PRO B 222 7.21 52.50 15.47
C PRO B 222 7.28 52.85 16.95
N GLY B 223 6.14 52.73 17.64
CA GLY B 223 6.06 53.05 19.05
C GLY B 223 6.03 51.84 19.95
N ASP B 224 4.84 51.44 20.40
CA ASP B 224 4.66 50.30 21.27
C ASP B 224 3.65 49.32 20.65
N PHE B 225 3.78 48.05 21.05
CA PHE B 225 2.77 47.04 20.78
C PHE B 225 2.20 46.58 22.12
N ILE B 226 0.89 46.71 22.27
CA ILE B 226 0.19 46.32 23.50
C ILE B 226 -0.54 45.01 23.21
N HIS B 227 -0.11 43.94 23.87
CA HIS B 227 -0.68 42.61 23.68
C HIS B 227 -1.68 42.36 24.81
N THR B 228 -2.96 42.32 24.47
CA THR B 228 -4.03 42.04 25.42
C THR B 228 -4.60 40.65 25.14
N LEU B 229 -4.71 39.85 26.19
CA LEU B 229 -5.10 38.45 26.07
C LEU B 229 -6.43 38.20 26.80
N GLY B 230 -7.26 37.36 26.20
CA GLY B 230 -8.41 36.82 26.89
C GLY B 230 -8.04 35.58 27.69
N ASP B 231 -8.15 34.41 27.07
CA ASP B 231 -7.75 33.15 27.70
C ASP B 231 -6.27 32.91 27.42
N ALA B 232 -5.43 33.26 28.38
CA ALA B 232 -3.99 32.97 28.30
C ALA B 232 -3.75 31.62 28.98
N HIS B 233 -3.39 30.61 28.19
CA HIS B 233 -3.32 29.25 28.69
C HIS B 233 -1.99 28.60 28.31
N ILE B 234 -1.53 27.73 29.20
CA ILE B 234 -0.35 26.90 28.98
C ILE B 234 -0.81 25.45 28.93
N TYR B 235 -0.61 24.80 27.78
CA TYR B 235 -0.95 23.39 27.65
C TYR B 235 -0.08 22.55 28.58
N LEU B 236 -0.63 21.42 29.02
CA LEU B 236 0.07 20.58 29.99
C LEU B 236 1.38 20.05 29.43
N ASN B 237 1.39 19.66 28.16
CA ASN B 237 2.63 19.19 27.53
C ASN B 237 3.62 20.30 27.24
N HIS B 238 3.29 21.56 27.59
CA HIS B 238 4.21 22.68 27.42
C HIS B 238 4.79 23.17 28.73
N ILE B 239 4.33 22.63 29.86
CA ILE B 239 4.75 23.16 31.17
C ILE B 239 6.26 23.03 31.33
N GLU B 240 6.81 21.85 31.08
CA GLU B 240 8.23 21.61 31.29
C GLU B 240 9.09 22.27 30.22
N PRO B 241 8.71 22.23 28.93
CA PRO B 241 9.47 23.02 27.94
C PRO B 241 9.54 24.50 28.27
N LEU B 242 8.49 25.07 28.88
CA LEU B 242 8.51 26.46 29.28
C LEU B 242 9.34 26.70 30.54
N LYS B 243 9.52 25.66 31.37
CA LYS B 243 10.39 25.80 32.53
C LYS B 243 11.85 25.89 32.11
N ILE B 244 12.24 25.17 31.05
CA ILE B 244 13.58 25.31 30.49
C ILE B 244 13.79 26.74 30.00
N GLN B 245 12.85 27.24 29.19
CA GLN B 245 12.98 28.60 28.66
C GLN B 245 13.01 29.63 29.77
N LEU B 246 12.26 29.39 30.86
CA LEU B 246 12.21 30.32 31.98
C LEU B 246 13.54 30.43 32.72
N GLN B 247 14.47 29.52 32.50
CA GLN B 247 15.79 29.58 33.12
C GLN B 247 16.83 30.27 32.24
N ARG B 248 16.50 30.56 30.99
CA ARG B 248 17.44 31.15 30.05
C ARG B 248 17.45 32.67 30.18
N GLU B 249 18.65 33.25 30.13
CA GLU B 249 18.80 34.70 30.26
C GLU B 249 18.47 35.36 28.93
N PRO B 250 17.51 36.29 28.89
CA PRO B 250 17.16 36.94 27.62
C PRO B 250 18.33 37.76 27.07
N ARG B 251 18.45 37.73 25.74
CA ARG B 251 19.47 38.49 25.03
C ARG B 251 18.83 39.69 24.34
N PRO B 252 19.61 40.70 23.96
CA PRO B 252 19.03 41.87 23.31
C PRO B 252 18.23 41.51 22.06
N PHE B 253 17.12 42.22 21.88
CA PHE B 253 16.28 41.99 20.71
C PHE B 253 17.04 42.32 19.43
N PRO B 254 16.70 41.67 18.32
CA PRO B 254 17.29 42.07 17.03
C PRO B 254 16.72 43.39 16.54
N LYS B 255 17.08 43.78 15.33
CA LYS B 255 16.52 44.97 14.70
C LYS B 255 15.98 44.60 13.32
N LEU B 256 14.98 45.34 12.88
CA LEU B 256 14.35 45.14 11.58
C LEU B 256 14.63 46.35 10.71
N ARG B 257 15.23 46.15 9.55
CA ARG B 257 15.50 47.20 8.59
C ARG B 257 14.78 46.91 7.29
N ILE B 258 14.06 47.90 6.78
CA ILE B 258 13.37 47.81 5.50
C ILE B 258 14.30 48.33 4.42
N LEU B 259 14.49 47.53 3.36
CA LEU B 259 15.57 47.77 2.41
C LEU B 259 15.20 48.78 1.34
N ARG B 260 13.93 49.03 1.09
CA ARG B 260 13.55 50.00 0.06
C ARG B 260 12.30 50.75 0.48
N LYS B 261 12.17 51.97 -0.04
CA LYS B 261 11.00 52.80 0.24
C LYS B 261 9.79 52.24 -0.49
N VAL B 262 8.76 51.88 0.26
CA VAL B 262 7.54 51.27 -0.29
C VAL B 262 6.40 52.25 -0.12
N GLU B 263 5.55 52.35 -1.16
CA GLU B 263 4.46 53.31 -1.20
C GLU B 263 3.15 52.72 -0.69
N LYS B 264 2.80 51.52 -1.15
CA LYS B 264 1.55 50.88 -0.78
C LYS B 264 1.83 49.63 0.04
N ILE B 265 0.84 49.24 0.85
CA ILE B 265 1.00 48.06 1.70
C ILE B 265 1.10 46.80 0.84
N ASP B 266 0.48 46.80 -0.34
CA ASP B 266 0.51 45.64 -1.22
C ASP B 266 1.84 45.49 -1.96
N ASP B 267 2.66 46.54 -1.99
CA ASP B 267 3.92 46.50 -2.72
C ASP B 267 5.04 45.82 -1.92
N PHE B 268 4.81 45.49 -0.66
CA PHE B 268 5.85 44.86 0.15
C PHE B 268 6.16 43.46 -0.37
N LYS B 269 7.44 43.15 -0.50
CA LYS B 269 7.91 41.81 -0.83
C LYS B 269 8.70 41.26 0.35
N ALA B 270 8.87 39.93 0.35
CA ALA B 270 9.58 39.28 1.46
C ALA B 270 11.05 39.71 1.50
N GLU B 271 11.63 40.03 0.34
CA GLU B 271 13.03 40.44 0.28
C GLU B 271 13.26 41.87 0.75
N ASP B 272 12.19 42.63 0.99
CA ASP B 272 12.32 44.00 1.47
C ASP B 272 12.70 44.09 2.95
N PHE B 273 12.74 42.96 3.65
CA PHE B 273 12.94 42.95 5.09
C PHE B 273 14.22 42.21 5.44
N GLN B 274 14.83 42.62 6.56
CA GLN B 274 16.11 42.08 6.97
C GLN B 274 16.19 42.13 8.49
N ILE B 275 16.28 40.96 9.12
CA ILE B 275 16.48 40.86 10.56
C ILE B 275 17.97 40.86 10.83
N GLU B 276 18.41 41.69 11.79
CA GLU B 276 19.82 41.84 12.09
C GLU B 276 20.06 41.60 13.57
N GLY B 277 21.10 40.83 13.87
CA GLY B 277 21.49 40.59 15.24
C GLY B 277 20.58 39.67 16.01
N TYR B 278 19.93 38.73 15.32
CA TYR B 278 19.04 37.77 15.98
C TYR B 278 19.89 36.58 16.42
N ASN B 279 20.18 36.51 17.72
CA ASN B 279 20.99 35.46 18.31
C ASN B 279 20.17 34.75 19.38
N PRO B 280 19.20 33.94 18.99
CA PRO B 280 18.32 33.29 19.97
C PRO B 280 18.97 32.05 20.59
N HIS B 281 18.41 31.67 21.73
CA HIS B 281 18.72 30.38 22.33
C HIS B 281 18.17 29.27 21.45
N PRO B 282 18.62 28.02 21.64
CA PRO B 282 18.16 26.93 20.79
C PRO B 282 16.65 26.76 20.80
N THR B 283 16.14 26.18 19.71
CA THR B 283 14.72 25.88 19.59
C THR B 283 14.28 24.91 20.68
N ILE B 284 13.10 25.14 21.24
CA ILE B 284 12.48 24.25 22.21
C ILE B 284 11.23 23.67 21.58
N LYS B 285 11.21 22.34 21.42
CA LYS B 285 10.09 21.68 20.77
C LYS B 285 8.83 21.75 21.62
N MET B 286 7.73 22.21 21.02
CA MET B 286 6.45 22.31 21.71
C MET B 286 5.37 21.86 20.75
N GLU B 287 4.76 20.70 21.03
CA GLU B 287 3.77 20.13 20.14
C GLU B 287 2.52 21.01 20.07
N MET B 288 1.91 21.07 18.88
CA MET B 288 0.69 21.82 18.69
C MET B 288 -0.52 20.99 19.07
N ALA B 289 -1.37 21.53 19.94
CA ALA B 289 -2.63 20.89 20.28
C ALA B 289 -3.61 21.06 19.12
N VAL B 290 -4.12 19.94 18.61
CA VAL B 290 -5.01 19.97 17.46
C VAL B 290 -6.47 19.85 17.89
N SER C 6 -6.53 -42.66 -4.82
CA SER C 6 -5.99 -42.40 -3.50
C SER C 6 -6.20 -40.96 -3.05
N GLU C 7 -5.80 -40.00 -3.90
CA GLU C 7 -6.01 -38.60 -3.58
C GLU C 7 -7.49 -38.23 -3.59
N LEU C 8 -8.33 -38.99 -4.28
CA LEU C 8 -9.77 -38.77 -4.22
C LEU C 8 -10.33 -39.05 -2.83
N GLN C 9 -9.60 -39.78 -2.00
CA GLN C 9 -10.05 -40.05 -0.64
C GLN C 9 -9.90 -38.82 0.25
N TYR C 10 -8.80 -38.08 0.09
CA TYR C 10 -8.64 -36.82 0.81
C TYR C 10 -9.67 -35.80 0.35
N LEU C 11 -9.92 -35.73 -0.96
CA LEU C 11 -10.90 -34.77 -1.47
C LEU C 11 -12.32 -35.14 -1.07
N GLY C 12 -12.63 -36.44 -1.00
CA GLY C 12 -13.93 -36.86 -0.50
C GLY C 12 -14.15 -36.49 0.95
N GLN C 13 -13.08 -36.52 1.77
CA GLN C 13 -13.19 -36.08 3.15
C GLN C 13 -13.45 -34.58 3.22
N ILE C 14 -12.78 -33.80 2.36
CA ILE C 14 -13.02 -32.36 2.32
C ILE C 14 -14.48 -32.08 1.95
N GLN C 15 -14.97 -32.74 0.88
CA GLN C 15 -16.34 -32.53 0.44
C GLN C 15 -17.34 -32.91 1.53
N HIS C 16 -17.04 -33.97 2.29
CA HIS C 16 -17.98 -34.41 3.31
C HIS C 16 -18.03 -33.41 4.48
N ILE C 17 -16.89 -32.81 4.84
CA ILE C 17 -16.89 -31.87 5.95
C ILE C 17 -17.62 -30.59 5.57
N LEU C 18 -17.39 -30.09 4.35
CA LEU C 18 -18.09 -28.91 3.90
C LEU C 18 -19.60 -29.14 3.80
N ARG C 19 -20.01 -30.36 3.47
CA ARG C 19 -21.42 -30.66 3.28
C ARG C 19 -22.11 -31.06 4.59
N CYS C 20 -21.44 -31.84 5.44
CA CYS C 20 -22.07 -32.42 6.61
C CYS C 20 -21.46 -31.97 7.93
N GLY C 21 -20.43 -31.13 7.90
CA GLY C 21 -19.80 -30.69 9.13
C GLY C 21 -20.69 -29.75 9.94
N VAL C 22 -20.36 -29.65 11.22
CA VAL C 22 -21.08 -28.77 12.14
C VAL C 22 -20.16 -27.66 12.59
N ARG C 23 -20.73 -26.48 12.79
CA ARG C 23 -19.95 -25.35 13.32
C ARG C 23 -19.44 -25.68 14.72
N LYS C 24 -18.21 -25.26 14.99
CA LYS C 24 -17.57 -25.61 16.26
C LYS C 24 -16.40 -24.66 16.49
N ASP C 25 -16.38 -23.99 17.64
CA ASP C 25 -15.26 -23.16 18.01
C ASP C 25 -14.09 -24.02 18.47
N ASP C 26 -12.95 -23.39 18.68
CA ASP C 26 -11.74 -24.13 19.02
C ASP C 26 -10.80 -23.25 19.83
N ARG C 27 -9.58 -23.75 20.05
CA ARG C 27 -8.59 -23.07 20.87
C ARG C 27 -8.30 -21.66 20.37
N THR C 28 -8.48 -21.41 19.08
CA THR C 28 -8.25 -20.10 18.49
C THR C 28 -9.57 -19.33 18.37
N GLY C 29 -9.47 -18.08 17.93
CA GLY C 29 -10.66 -17.30 17.67
C GLY C 29 -11.39 -17.70 16.42
N THR C 30 -10.69 -18.32 15.47
CA THR C 30 -11.32 -18.82 14.26
C THR C 30 -12.30 -19.94 14.60
N GLY C 31 -13.36 -20.05 13.79
CA GLY C 31 -14.26 -21.17 13.88
C GLY C 31 -13.86 -22.30 12.95
N THR C 32 -14.59 -23.41 13.05
CA THR C 32 -14.34 -24.56 12.20
C THR C 32 -15.67 -25.22 11.81
N LEU C 33 -15.61 -25.98 10.73
CA LEU C 33 -16.60 -27.01 10.42
C LEU C 33 -15.96 -28.35 10.77
N SER C 34 -16.55 -29.06 11.72
CA SER C 34 -15.88 -30.21 12.33
C SER C 34 -16.68 -31.49 12.12
N VAL C 35 -15.93 -32.59 11.99
CA VAL C 35 -16.47 -33.94 11.94
C VAL C 35 -15.57 -34.82 12.78
N PHE C 36 -16.16 -35.68 13.61
CA PHE C 36 -15.42 -36.54 14.52
C PHE C 36 -15.42 -37.97 13.98
N GLY C 37 -14.23 -38.51 13.75
CA GLY C 37 -14.09 -39.89 13.33
C GLY C 37 -14.05 -40.10 11.83
N MET C 38 -12.85 -40.17 11.26
CA MET C 38 -12.68 -40.37 9.82
C MET C 38 -11.50 -41.30 9.58
N GLN C 39 -11.48 -41.91 8.39
CA GLN C 39 -10.41 -42.85 8.04
C GLN C 39 -10.25 -42.91 6.53
N ALA C 40 -9.01 -42.87 6.08
CA ALA C 40 -8.66 -42.98 4.66
C ALA C 40 -7.46 -43.88 4.52
N ARG C 41 -7.33 -44.50 3.34
CA ARG C 41 -6.28 -45.47 3.06
C ARG C 41 -5.54 -45.04 1.81
N TYR C 42 -4.23 -44.83 1.93
CA TYR C 42 -3.40 -44.36 0.83
C TYR C 42 -2.41 -45.44 0.45
N SER C 43 -2.43 -45.85 -0.83
CA SER C 43 -1.54 -46.89 -1.30
C SER C 43 -0.12 -46.35 -1.45
N LEU C 44 0.85 -47.07 -0.88
CA LEU C 44 2.26 -46.74 -0.99
C LEU C 44 2.97 -47.61 -2.02
N ARG C 45 2.23 -48.41 -2.79
CA ARG C 45 2.82 -49.39 -3.69
C ARG C 45 3.24 -48.71 -4.98
N ASP C 46 4.55 -48.57 -5.18
CA ASP C 46 5.13 -47.97 -6.39
C ASP C 46 4.61 -46.55 -6.63
N GLU C 47 4.26 -45.85 -5.55
CA GLU C 47 3.84 -44.47 -5.63
C GLU C 47 3.96 -43.83 -4.25
N PHE C 48 4.03 -42.50 -4.22
CA PHE C 48 4.17 -41.76 -2.97
C PHE C 48 3.05 -40.74 -2.87
N PRO C 49 2.26 -40.75 -1.80
CA PRO C 49 1.08 -39.85 -1.69
C PRO C 49 1.46 -38.40 -1.33
N LEU C 50 1.98 -37.70 -2.32
CA LEU C 50 2.24 -36.26 -2.22
C LEU C 50 1.16 -35.58 -3.06
N LEU C 51 0.28 -34.84 -2.39
CA LEU C 51 -0.93 -34.34 -3.05
C LEU C 51 -0.59 -33.50 -4.27
N THR C 52 -1.40 -33.65 -5.33
CA THR C 52 -1.18 -32.96 -6.59
C THR C 52 -2.16 -31.82 -6.84
N THR C 53 -3.30 -31.79 -6.16
CA THR C 53 -4.24 -30.69 -6.33
C THR C 53 -3.73 -29.38 -5.74
N LYS C 54 -2.63 -29.41 -4.99
CA LYS C 54 -1.93 -28.23 -4.53
C LYS C 54 -0.53 -28.66 -4.10
N ARG C 55 0.40 -27.72 -4.15
CA ARG C 55 1.78 -28.05 -3.78
C ARG C 55 1.88 -28.30 -2.29
N VAL C 56 2.61 -29.34 -1.91
CA VAL C 56 2.88 -29.68 -0.52
C VAL C 56 4.35 -29.40 -0.24
N PHE C 57 4.61 -28.83 0.94
CA PHE C 57 5.96 -28.45 1.35
C PHE C 57 6.80 -29.70 1.59
N TRP C 58 7.26 -30.30 0.49
CA TRP C 58 8.02 -31.54 0.58
C TRP C 58 9.32 -31.36 1.34
N LYS C 59 10.01 -30.22 1.13
CA LYS C 59 11.26 -29.96 1.83
C LYS C 59 11.05 -29.96 3.34
N GLY C 60 9.92 -29.41 3.79
CA GLY C 60 9.60 -29.44 5.22
C GLY C 60 9.26 -30.82 5.72
N VAL C 61 8.63 -31.65 4.89
CA VAL C 61 8.27 -33.01 5.30
C VAL C 61 9.53 -33.82 5.59
N LEU C 62 10.47 -33.83 4.65
CA LEU C 62 11.69 -34.61 4.82
C LEU C 62 12.52 -34.08 5.99
N GLU C 63 12.69 -32.77 6.07
CA GLU C 63 13.57 -32.19 7.09
C GLU C 63 12.99 -32.36 8.48
N GLU C 64 11.66 -32.27 8.62
CA GLU C 64 11.07 -32.41 9.94
C GLU C 64 11.16 -33.86 10.43
N LEU C 65 11.03 -34.82 9.53
CA LEU C 65 11.09 -36.22 9.93
C LEU C 65 12.50 -36.60 10.35
N LEU C 66 13.50 -36.20 9.56
CA LEU C 66 14.89 -36.39 9.99
C LEU C 66 15.16 -35.68 11.31
N TRP C 67 14.48 -34.57 11.55
CA TRP C 67 14.57 -33.86 12.82
C TRP C 67 13.92 -34.66 13.94
N PHE C 68 12.79 -35.33 13.64
CA PHE C 68 12.17 -36.21 14.63
C PHE C 68 13.06 -37.39 14.95
N ILE C 69 13.62 -38.03 13.91
CA ILE C 69 14.38 -39.26 14.09
C ILE C 69 15.62 -39.02 14.93
N LYS C 70 16.27 -37.87 14.74
CA LYS C 70 17.43 -37.52 15.56
C LYS C 70 17.07 -37.26 17.01
N GLY C 71 15.78 -37.25 17.36
CA GLY C 71 15.36 -36.98 18.71
C GLY C 71 15.43 -35.55 19.14
N SER C 72 15.64 -34.61 18.21
CA SER C 72 15.83 -33.22 18.58
C SER C 72 14.51 -32.56 18.97
N THR C 73 14.60 -31.64 19.92
CA THR C 73 13.48 -30.79 20.33
C THR C 73 13.79 -29.31 20.14
N ASN C 74 14.82 -29.00 19.36
CA ASN C 74 15.29 -27.62 19.17
C ASN C 74 14.73 -27.10 17.86
N ALA C 75 13.75 -26.19 17.95
CA ALA C 75 13.15 -25.62 16.75
C ALA C 75 14.16 -24.84 15.91
N LYS C 76 15.16 -24.23 16.57
CA LYS C 76 16.16 -23.47 15.83
C LYS C 76 17.03 -24.39 14.98
N GLU C 77 17.22 -25.64 15.41
CA GLU C 77 17.97 -26.60 14.60
C GLU C 77 17.22 -26.97 13.33
N LEU C 78 15.89 -27.01 13.39
CA LEU C 78 15.08 -27.24 12.20
C LEU C 78 14.95 -25.97 11.37
N SER C 79 14.85 -24.82 12.04
CA SER C 79 14.72 -23.55 11.33
C SER C 79 15.97 -23.23 10.52
N SER C 80 17.13 -23.75 10.93
CA SER C 80 18.36 -23.50 10.21
C SER C 80 18.41 -24.24 8.87
N LYS C 81 17.62 -25.31 8.71
CA LYS C 81 17.55 -26.04 7.46
C LYS C 81 16.54 -25.45 6.48
N GLY C 82 15.94 -24.31 6.81
CA GLY C 82 14.98 -23.66 5.94
C GLY C 82 13.53 -23.95 6.27
N VAL C 83 13.25 -24.71 7.32
CA VAL C 83 11.90 -25.11 7.69
C VAL C 83 11.53 -24.39 8.98
N LYS C 84 10.57 -23.48 8.90
CA LYS C 84 10.21 -22.63 10.04
C LYS C 84 8.82 -22.94 10.59
N ILE C 85 8.35 -24.18 10.40
CA ILE C 85 6.99 -24.52 10.80
C ILE C 85 6.81 -24.53 12.31
N TRP C 86 7.89 -24.61 13.08
CA TRP C 86 7.80 -24.66 14.54
C TRP C 86 8.29 -23.39 15.22
N ASP C 87 8.82 -22.42 14.47
CA ASP C 87 9.37 -21.21 15.09
C ASP C 87 8.33 -20.45 15.90
N ALA C 88 7.06 -20.52 15.50
CA ALA C 88 6.01 -19.84 16.26
C ALA C 88 5.88 -20.39 17.66
N ASN C 89 6.00 -21.72 17.81
CA ASN C 89 5.87 -22.35 19.12
C ASN C 89 7.17 -22.35 19.92
N GLY C 90 8.23 -21.74 19.41
CA GLY C 90 9.48 -21.65 20.14
C GLY C 90 9.96 -20.23 20.33
N SER C 91 9.10 -19.27 20.02
CA SER C 91 9.45 -17.87 20.14
C SER C 91 9.39 -17.43 21.60
N ARG C 92 10.34 -16.56 21.99
CA ARG C 92 10.41 -16.07 23.36
C ARG C 92 9.05 -15.57 23.85
N ASP C 93 8.33 -14.83 23.01
CA ASP C 93 7.04 -14.30 23.41
C ASP C 93 5.98 -15.38 23.56
N PHE C 94 6.21 -16.57 23.02
CA PHE C 94 5.28 -17.68 23.18
C PHE C 94 5.64 -18.59 24.35
N LEU C 95 6.93 -18.85 24.57
CA LEU C 95 7.34 -19.62 25.74
C LEU C 95 6.98 -18.88 27.03
N ASP C 96 7.19 -17.56 27.05
CA ASP C 96 6.81 -16.76 28.21
C ASP C 96 5.30 -16.81 28.44
N SER C 97 4.52 -16.85 27.36
CA SER C 97 3.06 -16.86 27.50
C SER C 97 2.60 -18.06 28.31
N LEU C 98 3.22 -19.23 28.10
CA LEU C 98 2.92 -20.43 28.86
C LEU C 98 3.83 -20.62 30.07
N GLY C 99 4.63 -19.63 30.43
CA GLY C 99 5.42 -19.69 31.65
C GLY C 99 6.77 -20.35 31.62
N PHE C 100 7.31 -20.69 30.46
CA PHE C 100 8.59 -21.38 30.35
C PHE C 100 9.73 -20.36 30.35
N SER C 101 9.97 -19.78 31.54
CA SER C 101 10.90 -18.68 31.67
C SER C 101 12.37 -19.12 31.61
N THR C 102 12.68 -20.36 31.95
CA THR C 102 14.05 -20.84 31.90
C THR C 102 14.43 -21.42 30.55
N ARG C 103 13.46 -21.72 29.69
CA ARG C 103 13.78 -22.30 28.39
C ARG C 103 14.29 -21.24 27.43
N GLU C 104 15.39 -21.56 26.76
CA GLU C 104 15.91 -20.71 25.70
C GLU C 104 14.99 -20.76 24.48
N GLU C 105 15.03 -19.69 23.68
CA GLU C 105 14.18 -19.61 22.49
C GLU C 105 14.43 -20.81 21.58
N GLY C 106 13.36 -21.48 21.18
CA GLY C 106 13.46 -22.67 20.36
C GLY C 106 13.41 -23.99 21.10
N ASP C 107 13.04 -23.99 22.37
CA ASP C 107 12.93 -25.22 23.16
C ASP C 107 11.46 -25.57 23.24
N LEU C 108 11.05 -26.57 22.45
CA LEU C 108 9.66 -26.99 22.38
C LEU C 108 9.25 -27.88 23.54
N GLY C 109 10.19 -28.39 24.31
CA GLY C 109 9.92 -29.30 25.40
C GLY C 109 10.02 -30.75 24.94
N PRO C 110 9.48 -31.67 25.75
CA PRO C 110 9.50 -33.10 25.35
C PRO C 110 8.42 -33.42 24.31
N VAL C 111 8.75 -33.27 23.03
CA VAL C 111 7.77 -33.47 21.96
C VAL C 111 8.20 -34.67 21.13
N TYR C 112 7.64 -34.79 19.92
CA TYR C 112 7.75 -36.01 19.10
C TYR C 112 9.13 -36.65 19.12
N GLY C 113 10.17 -35.87 18.84
CA GLY C 113 11.51 -36.44 18.78
C GLY C 113 11.94 -37.05 20.10
N PHE C 114 11.57 -36.41 21.21
CA PHE C 114 11.94 -36.93 22.52
C PHE C 114 11.11 -38.16 22.88
N GLN C 115 9.82 -38.16 22.51
CA GLN C 115 8.97 -39.29 22.85
C GLN C 115 9.28 -40.52 22.01
N TRP C 116 9.70 -40.33 20.75
CA TRP C 116 10.03 -41.47 19.91
C TRP C 116 11.27 -42.19 20.41
N ARG C 117 12.20 -41.48 21.05
CA ARG C 117 13.51 -42.02 21.38
C ARG C 117 13.76 -42.17 22.87
N HIS C 118 13.04 -41.48 23.72
CA HIS C 118 13.35 -41.48 25.15
C HIS C 118 12.05 -41.39 25.96
N PHE C 119 11.06 -42.23 25.63
CA PHE C 119 9.80 -42.20 26.34
C PHE C 119 10.02 -42.57 27.80
N GLY C 120 9.57 -41.70 28.70
CA GLY C 120 9.69 -41.91 30.13
C GLY C 120 10.87 -41.20 30.77
N ALA C 121 11.89 -40.84 29.98
CA ALA C 121 13.03 -40.13 30.53
C ALA C 121 12.61 -38.76 31.06
N GLU C 122 13.34 -38.28 32.06
CA GLU C 122 13.07 -36.97 32.64
C GLU C 122 13.65 -35.90 31.73
N TYR C 123 12.79 -35.00 31.25
CA TYR C 123 13.21 -33.98 30.30
C TYR C 123 13.93 -32.84 31.03
N ARG C 124 15.13 -32.51 30.56
CA ARG C 124 15.89 -31.40 31.11
C ARG C 124 15.75 -30.18 30.22
N ASP C 125 16.52 -30.12 29.14
CA ASP C 125 16.45 -29.03 28.18
C ASP C 125 16.73 -29.58 26.79
N MET C 126 16.63 -28.70 25.78
CA MET C 126 16.81 -29.09 24.40
C MET C 126 18.25 -29.41 24.03
N GLU C 127 19.21 -29.15 24.93
CA GLU C 127 20.62 -29.37 24.63
C GLU C 127 21.19 -30.61 25.30
N SER C 128 20.40 -31.34 26.09
CA SER C 128 20.90 -32.51 26.79
C SER C 128 20.99 -33.71 25.85
N ASP C 129 21.87 -34.65 26.22
CA ASP C 129 22.02 -35.91 25.49
C ASP C 129 21.41 -37.01 26.34
N TYR C 130 20.33 -37.61 25.83
CA TYR C 130 19.57 -38.62 26.57
C TYR C 130 19.84 -40.04 26.07
N SER C 131 20.95 -40.26 25.37
CA SER C 131 21.23 -41.58 24.82
C SER C 131 21.32 -42.62 25.94
N GLY C 132 20.49 -43.65 25.84
CA GLY C 132 20.41 -44.66 26.86
C GLY C 132 19.36 -44.43 27.94
N GLN C 133 18.63 -43.32 27.88
CA GLN C 133 17.57 -43.01 28.83
C GLN C 133 16.21 -43.13 28.15
N GLY C 134 15.24 -43.65 28.87
CA GLY C 134 13.90 -43.81 28.33
C GLY C 134 13.80 -44.95 27.34
N VAL C 135 12.60 -45.12 26.81
CA VAL C 135 12.32 -46.21 25.87
C VAL C 135 12.49 -45.68 24.45
N ASP C 136 13.34 -46.36 23.67
CA ASP C 136 13.55 -46.03 22.26
C ASP C 136 12.49 -46.76 21.46
N GLN C 137 11.32 -46.13 21.31
CA GLN C 137 10.21 -46.77 20.62
C GLN C 137 10.51 -47.02 19.15
N LEU C 138 11.26 -46.11 18.51
CA LEU C 138 11.50 -46.22 17.07
C LEU C 138 12.37 -47.43 16.75
N GLN C 139 13.41 -47.67 17.54
CA GLN C 139 14.30 -48.80 17.25
C GLN C 139 13.65 -50.13 17.64
N ARG C 140 12.91 -50.14 18.74
CA ARG C 140 12.19 -51.34 19.15
C ARG C 140 11.14 -51.73 18.12
N VAL C 141 10.52 -50.73 17.48
CA VAL C 141 9.58 -51.00 16.38
C VAL C 141 10.31 -51.64 15.22
N ILE C 142 11.51 -51.14 14.89
CA ILE C 142 12.28 -51.71 13.79
C ILE C 142 12.76 -53.11 14.16
N ASP C 143 13.16 -53.32 15.41
CA ASP C 143 13.63 -54.65 15.82
C ASP C 143 12.51 -55.67 15.76
N THR C 144 11.33 -55.31 16.27
CA THR C 144 10.21 -56.25 16.27
C THR C 144 9.76 -56.60 14.85
N ILE C 145 9.86 -55.66 13.92
CA ILE C 145 9.49 -55.96 12.54
C ILE C 145 10.44 -56.98 11.93
N LYS C 146 11.74 -56.86 12.24
CA LYS C 146 12.73 -57.77 11.66
C LYS C 146 12.62 -59.17 12.24
N THR C 147 12.27 -59.30 13.51
CA THR C 147 12.29 -60.59 14.19
C THR C 147 10.91 -61.23 14.35
N ASN C 148 9.84 -60.44 14.39
CA ASN C 148 8.49 -60.97 14.63
C ASN C 148 7.49 -60.10 13.89
N PRO C 149 7.38 -60.27 12.57
CA PRO C 149 6.48 -59.39 11.79
C PRO C 149 5.01 -59.58 12.12
N ASP C 150 4.60 -60.78 12.57
CA ASP C 150 3.21 -61.04 12.91
C ASP C 150 2.78 -60.41 14.22
N ASP C 151 3.69 -59.77 14.94
CA ASP C 151 3.35 -59.15 16.21
C ASP C 151 2.32 -58.04 16.01
N ARG C 152 1.26 -58.07 16.82
CA ARG C 152 0.17 -57.11 16.75
C ARG C 152 0.34 -55.99 17.77
N ARG C 153 1.58 -55.67 18.13
CA ARG C 153 1.88 -54.70 19.18
C ARG C 153 2.95 -53.71 18.74
N ILE C 154 3.19 -53.59 17.43
CA ILE C 154 4.21 -52.70 16.90
C ILE C 154 3.66 -51.27 16.91
N ILE C 155 3.78 -50.59 18.05
CA ILE C 155 3.14 -49.31 18.27
C ILE C 155 4.19 -48.31 18.73
N MET C 156 4.11 -47.10 18.18
CA MET C 156 4.90 -45.96 18.64
C MET C 156 3.94 -44.88 19.10
N CYS C 157 3.98 -44.56 20.39
CA CYS C 157 3.05 -43.62 21.00
C CYS C 157 3.79 -42.38 21.48
N ALA C 158 3.26 -41.21 21.13
CA ALA C 158 3.83 -39.94 21.57
C ALA C 158 3.01 -39.28 22.68
N TRP C 159 1.84 -39.83 23.01
CA TRP C 159 0.99 -39.23 24.03
C TRP C 159 1.46 -39.67 25.41
N ASN C 160 2.08 -38.75 26.13
CA ASN C 160 2.55 -39.01 27.49
C ASN C 160 1.86 -38.05 28.44
N PRO C 161 0.83 -38.49 29.17
CA PRO C 161 0.14 -37.57 30.09
C PRO C 161 1.04 -36.92 31.12
N ARG C 162 2.15 -37.57 31.48
CA ARG C 162 3.07 -36.96 32.44
C ARG C 162 3.75 -35.73 31.86
N ASP C 163 4.21 -35.82 30.61
CA ASP C 163 4.95 -34.74 29.97
C ASP C 163 4.07 -33.74 29.25
N LEU C 164 2.75 -33.93 29.25
CA LEU C 164 1.85 -33.03 28.54
C LEU C 164 1.95 -31.58 29.01
N PRO C 165 1.92 -31.27 30.31
CA PRO C 165 1.94 -29.85 30.71
C PRO C 165 3.22 -29.13 30.34
N LEU C 166 4.30 -29.87 30.04
CA LEU C 166 5.59 -29.27 29.70
C LEU C 166 5.76 -29.03 28.20
N MET C 167 4.77 -29.36 27.37
CA MET C 167 4.89 -29.21 25.93
C MET C 167 4.23 -27.92 25.48
N ALA C 168 4.85 -27.27 24.49
CA ALA C 168 4.25 -26.08 23.90
C ALA C 168 2.96 -26.42 23.17
N LEU C 169 2.92 -27.59 22.52
CA LEU C 169 1.74 -28.04 21.83
C LEU C 169 1.69 -29.56 22.00
N PRO C 170 0.57 -30.10 22.48
CA PRO C 170 0.48 -31.55 22.65
C PRO C 170 0.48 -32.26 21.30
N PRO C 171 0.93 -33.50 21.25
CA PRO C 171 1.07 -34.19 19.95
C PRO C 171 -0.28 -34.30 19.23
N CYS C 172 -0.24 -34.02 17.92
CA CYS C 172 -1.41 -34.24 17.08
C CYS C 172 -1.43 -35.64 16.50
N HIS C 173 -0.31 -36.10 15.94
CA HIS C 173 -0.18 -37.50 15.52
C HIS C 173 0.35 -38.26 16.72
N ALA C 174 -0.58 -38.76 17.54
CA ALA C 174 -0.29 -39.26 18.87
C ALA C 174 0.13 -40.72 18.92
N LEU C 175 -0.34 -41.54 17.99
CA LEU C 175 -0.08 -42.97 18.04
C LEU C 175 -0.07 -43.53 16.63
N CYS C 176 0.90 -44.40 16.35
CA CYS C 176 0.96 -45.08 15.06
C CYS C 176 1.28 -46.54 15.28
N GLN C 177 0.81 -47.38 14.36
CA GLN C 177 0.99 -48.82 14.46
C GLN C 177 1.41 -49.36 13.10
N PHE C 178 2.33 -50.31 13.11
CA PHE C 178 2.82 -50.95 11.89
C PHE C 178 2.31 -52.38 11.80
N TYR C 179 2.30 -52.89 10.58
CA TYR C 179 1.65 -54.15 10.24
C TYR C 179 2.35 -54.74 9.03
N VAL C 180 2.60 -56.05 9.07
CA VAL C 180 3.35 -56.74 8.03
C VAL C 180 2.54 -57.94 7.54
N VAL C 181 2.40 -58.06 6.23
CA VAL C 181 1.82 -59.25 5.61
C VAL C 181 2.30 -59.30 4.17
N ASN C 182 2.62 -60.51 3.70
CA ASN C 182 3.15 -60.73 2.36
C ASN C 182 4.36 -59.85 2.10
N SER C 183 5.17 -59.63 3.15
CA SER C 183 6.35 -58.77 3.08
C SER C 183 6.00 -57.34 2.69
N GLU C 184 4.79 -56.89 3.02
CA GLU C 184 4.38 -55.51 2.82
C GLU C 184 4.24 -54.83 4.17
N LEU C 185 4.84 -53.65 4.30
CA LEU C 185 4.80 -52.87 5.52
C LEU C 185 3.69 -51.82 5.42
N SER C 186 2.73 -51.87 6.33
CA SER C 186 1.68 -50.88 6.42
C SER C 186 1.78 -50.14 7.74
N CYS C 187 1.22 -48.93 7.77
CA CYS C 187 1.24 -48.06 8.93
C CYS C 187 -0.11 -47.37 9.07
N GLN C 188 -0.65 -47.39 10.30
CA GLN C 188 -1.84 -46.64 10.62
C GLN C 188 -1.49 -45.56 11.64
N LEU C 189 -1.93 -44.34 11.39
CA LEU C 189 -1.73 -43.21 12.29
C LEU C 189 -3.07 -42.81 12.90
N TYR C 190 -3.09 -42.62 14.22
CA TYR C 190 -4.21 -41.99 14.88
C TYR C 190 -3.86 -40.53 15.14
N GLN C 191 -4.58 -39.63 14.50
CA GLN C 191 -4.38 -38.19 14.64
C GLN C 191 -5.58 -37.62 15.40
N ARG C 192 -5.31 -37.05 16.58
CA ARG C 192 -6.38 -36.53 17.41
C ARG C 192 -7.02 -35.27 16.83
N SER C 193 -6.26 -34.48 16.08
CA SER C 193 -6.75 -33.20 15.59
C SER C 193 -6.16 -32.95 14.22
N GLY C 194 -7.03 -32.76 13.22
CA GLY C 194 -6.56 -32.60 11.86
C GLY C 194 -7.01 -31.33 11.17
N ASP C 195 -6.07 -30.40 10.95
CA ASP C 195 -6.29 -29.23 10.11
C ASP C 195 -6.34 -29.70 8.66
N MET C 196 -7.56 -29.88 8.14
CA MET C 196 -7.72 -30.52 6.83
C MET C 196 -7.12 -29.69 5.71
N GLY C 197 -7.04 -28.36 5.89
CA GLY C 197 -6.49 -27.52 4.85
C GLY C 197 -4.98 -27.46 4.85
N LEU C 198 -4.38 -27.37 6.05
CA LEU C 198 -2.95 -27.13 6.18
C LEU C 198 -2.18 -28.37 6.63
N GLY C 199 -2.45 -28.87 7.83
CA GLY C 199 -1.62 -29.91 8.40
C GLY C 199 -1.80 -31.27 7.76
N VAL C 200 -3.04 -31.64 7.46
CA VAL C 200 -3.33 -33.03 7.06
C VAL C 200 -2.54 -33.46 5.83
N PRO C 201 -2.49 -32.69 4.73
CA PRO C 201 -1.61 -33.11 3.61
C PRO C 201 -0.15 -33.25 4.01
N PHE C 202 0.31 -32.43 4.95
CA PHE C 202 1.68 -32.56 5.45
C PHE C 202 1.87 -33.86 6.20
N ASN C 203 0.94 -34.19 7.11
CA ASN C 203 1.08 -35.38 7.94
C ASN C 203 1.02 -36.65 7.10
N ILE C 204 0.19 -36.66 6.06
CA ILE C 204 0.11 -37.83 5.17
C ILE C 204 1.48 -38.09 4.53
N ALA C 205 2.12 -37.04 4.01
CA ALA C 205 3.42 -37.22 3.38
C ALA C 205 4.49 -37.60 4.39
N SER C 206 4.36 -37.12 5.63
CA SER C 206 5.37 -37.40 6.65
C SER C 206 5.37 -38.88 7.04
N TYR C 207 4.19 -39.43 7.32
CA TYR C 207 4.12 -40.82 7.76
C TYR C 207 4.23 -41.80 6.60
N ALA C 208 3.88 -41.40 5.38
CA ALA C 208 4.22 -42.22 4.22
C ALA C 208 5.73 -42.29 4.04
N LEU C 209 6.42 -41.19 4.32
CA LEU C 209 7.88 -41.20 4.24
C LEU C 209 8.50 -42.10 5.30
N LEU C 210 7.97 -42.05 6.53
CA LEU C 210 8.50 -42.89 7.60
C LEU C 210 8.34 -44.37 7.26
N THR C 211 7.24 -44.73 6.61
CA THR C 211 7.04 -46.11 6.21
C THR C 211 8.04 -46.54 5.16
N TYR C 212 8.34 -45.66 4.20
CA TYR C 212 9.36 -45.95 3.20
C TYR C 212 10.73 -46.14 3.85
N MET C 213 11.03 -45.35 4.89
CA MET C 213 12.31 -45.47 5.56
C MET C 213 12.43 -46.81 6.29
N ILE C 214 11.38 -47.21 7.00
CA ILE C 214 11.44 -48.44 7.77
C ILE C 214 11.36 -49.66 6.87
N ALA C 215 10.55 -49.59 5.80
CA ALA C 215 10.50 -50.68 4.83
C ALA C 215 11.84 -50.87 4.14
N HIS C 216 12.58 -49.79 3.90
CA HIS C 216 13.89 -49.89 3.28
C HIS C 216 14.89 -50.60 4.18
N ILE C 217 14.83 -50.33 5.49
CA ILE C 217 15.76 -50.94 6.42
C ILE C 217 15.42 -52.41 6.67
N THR C 218 14.14 -52.71 6.81
CA THR C 218 13.69 -54.05 7.14
C THR C 218 13.54 -54.96 5.93
N GLY C 219 13.83 -54.47 4.73
CA GLY C 219 13.74 -55.30 3.54
C GLY C 219 12.33 -55.60 3.07
N LEU C 220 11.35 -54.78 3.44
CA LEU C 220 9.97 -54.99 3.08
C LEU C 220 9.55 -53.98 2.00
N LYS C 221 8.39 -54.23 1.41
CA LYS C 221 7.85 -53.29 0.44
C LYS C 221 6.76 -52.43 1.07
N PRO C 222 6.70 -51.14 0.74
CA PRO C 222 5.67 -50.27 1.30
C PRO C 222 4.27 -50.74 0.91
N GLY C 223 3.38 -50.81 1.89
CA GLY C 223 2.02 -51.26 1.66
C GLY C 223 1.02 -50.13 1.61
N ASP C 224 0.31 -49.92 2.72
CA ASP C 224 -0.70 -48.87 2.81
C ASP C 224 -0.40 -47.96 4.01
N PHE C 225 -0.90 -46.74 3.91
CA PHE C 225 -0.96 -45.82 5.05
C PHE C 225 -2.43 -45.58 5.36
N ILE C 226 -2.82 -45.88 6.60
CA ILE C 226 -4.20 -45.68 7.04
C ILE C 226 -4.22 -44.45 7.95
N HIS C 227 -4.91 -43.41 7.49
CA HIS C 227 -5.00 -42.15 8.22
C HIS C 227 -6.31 -42.12 8.99
N THR C 228 -6.23 -42.19 10.32
CA THR C 228 -7.39 -42.13 11.19
C THR C 228 -7.40 -40.80 11.93
N LEU C 229 -8.55 -40.12 11.90
CA LEU C 229 -8.67 -38.78 12.45
C LEU C 229 -9.67 -38.75 13.59
N GLY C 230 -9.36 -37.95 14.61
CA GLY C 230 -10.33 -37.62 15.63
C GLY C 230 -11.16 -36.41 15.21
N ASP C 231 -10.71 -35.21 15.58
CA ASP C 231 -11.38 -33.97 15.19
C ASP C 231 -10.86 -33.54 13.82
N ALA C 232 -11.62 -33.87 12.77
CA ALA C 232 -11.30 -33.42 11.41
C ALA C 232 -12.07 -32.12 11.17
N HIS C 233 -11.34 -31.01 11.09
CA HIS C 233 -11.97 -29.70 11.03
C HIS C 233 -11.40 -28.88 9.89
N ILE C 234 -12.27 -28.04 9.32
CA ILE C 234 -11.90 -27.06 8.30
C ILE C 234 -12.09 -25.68 8.90
N TYR C 235 -11.02 -24.92 9.02
CA TYR C 235 -11.13 -23.56 9.51
C TYR C 235 -11.96 -22.71 8.55
N LEU C 236 -12.63 -21.70 9.09
CA LEU C 236 -13.55 -20.90 8.29
C LEU C 236 -12.80 -20.16 7.18
N ASN C 237 -11.61 -19.64 7.48
CA ASN C 237 -10.81 -18.96 6.46
C ASN C 237 -10.19 -19.92 5.45
N HIS C 238 -10.43 -21.23 5.57
CA HIS C 238 -9.94 -22.20 4.60
C HIS C 238 -11.04 -22.75 3.70
N ILE C 239 -12.29 -22.38 3.95
CA ILE C 239 -13.41 -22.97 3.19
C ILE C 239 -13.25 -22.69 1.70
N GLU C 240 -13.02 -21.43 1.34
CA GLU C 240 -12.96 -21.08 -0.08
C GLU C 240 -11.68 -21.56 -0.75
N PRO C 241 -10.51 -21.47 -0.11
CA PRO C 241 -9.30 -22.10 -0.69
C PRO C 241 -9.48 -23.58 -0.98
N LEU C 242 -10.23 -24.29 -0.15
CA LEU C 242 -10.49 -25.70 -0.40
C LEU C 242 -11.55 -25.91 -1.48
N LYS C 243 -12.43 -24.93 -1.71
CA LYS C 243 -13.37 -25.07 -2.84
C LYS C 243 -12.66 -24.93 -4.18
N ILE C 244 -11.64 -24.08 -4.25
CA ILE C 244 -10.82 -24.02 -5.46
C ILE C 244 -10.14 -25.35 -5.70
N GLN C 245 -9.48 -25.89 -4.66
CA GLN C 245 -8.78 -27.16 -4.79
C GLN C 245 -9.73 -28.28 -5.17
N LEU C 246 -10.97 -28.24 -4.67
CA LEU C 246 -11.96 -29.26 -4.97
C LEU C 246 -12.36 -29.28 -6.44
N GLN C 247 -12.04 -28.24 -7.21
CA GLN C 247 -12.34 -28.20 -8.64
C GLN C 247 -11.19 -28.68 -9.50
N ARG C 248 -10.01 -28.92 -8.93
CA ARG C 248 -8.84 -29.30 -9.70
C ARG C 248 -8.81 -30.82 -9.88
N GLU C 249 -8.47 -31.26 -11.09
CA GLU C 249 -8.40 -32.68 -11.39
C GLU C 249 -7.10 -33.25 -10.85
N PRO C 250 -7.15 -34.27 -9.99
CA PRO C 250 -5.90 -34.83 -9.44
C PRO C 250 -5.05 -35.46 -10.54
N ARG C 251 -3.74 -35.30 -10.40
CA ARG C 251 -2.75 -35.86 -11.31
C ARG C 251 -2.06 -37.04 -10.65
N PRO C 252 -1.40 -37.90 -11.43
CA PRO C 252 -0.75 -39.08 -10.83
C PRO C 252 0.24 -38.69 -9.75
N PHE C 253 0.30 -39.51 -8.70
CA PHE C 253 1.23 -39.27 -7.62
C PHE C 253 2.66 -39.37 -8.13
N PRO C 254 3.59 -38.67 -7.49
CA PRO C 254 5.01 -38.85 -7.84
C PRO C 254 5.55 -40.18 -7.33
N LYS C 255 6.86 -40.39 -7.47
CA LYS C 255 7.51 -41.57 -6.93
C LYS C 255 8.70 -41.14 -6.07
N LEU C 256 9.02 -41.97 -5.09
CA LEU C 256 10.12 -41.73 -4.16
C LEU C 256 11.16 -42.83 -4.37
N ARG C 257 12.40 -42.43 -4.64
CA ARG C 257 13.51 -43.36 -4.78
C ARG C 257 14.57 -43.05 -3.73
N ILE C 258 15.00 -44.08 -3.03
CA ILE C 258 16.09 -43.96 -2.06
C ILE C 258 17.40 -44.26 -2.78
N LEU C 259 18.36 -43.35 -2.66
CA LEU C 259 19.53 -43.38 -3.53
C LEU C 259 20.64 -44.31 -3.05
N ARG C 260 20.65 -44.69 -1.78
CA ARG C 260 21.71 -45.57 -1.30
C ARG C 260 21.16 -46.53 -0.25
N LYS C 261 21.80 -47.68 -0.14
CA LYS C 261 21.41 -48.67 0.86
C LYS C 261 21.81 -48.18 2.25
N VAL C 262 20.82 -48.04 3.13
CA VAL C 262 21.03 -47.52 4.48
C VAL C 262 20.77 -48.64 5.47
N GLU C 263 21.63 -48.73 6.49
CA GLU C 263 21.58 -49.81 7.47
C GLU C 263 20.75 -49.45 8.69
N LYS C 264 20.96 -48.27 9.25
CA LYS C 264 20.27 -47.81 10.44
C LYS C 264 19.36 -46.63 10.12
N ILE C 265 18.34 -46.45 10.95
CA ILE C 265 17.40 -45.34 10.72
C ILE C 265 18.10 -44.01 10.92
N ASP C 266 19.12 -43.96 11.77
CA ASP C 266 19.84 -42.72 12.04
C ASP C 266 20.81 -42.34 10.92
N ASP C 267 21.13 -43.27 10.03
CA ASP C 267 22.08 -43.00 8.96
C ASP C 267 21.45 -42.29 7.77
N PHE C 268 20.13 -42.10 7.75
CA PHE C 268 19.49 -41.44 6.63
C PHE C 268 19.89 -39.97 6.58
N LYS C 269 20.25 -39.51 5.37
CA LYS C 269 20.52 -38.11 5.11
C LYS C 269 19.46 -37.56 4.15
N ALA C 270 19.35 -36.22 4.12
CA ALA C 270 18.36 -35.60 3.25
C ALA C 270 18.63 -35.85 1.78
N GLU C 271 19.91 -36.00 1.41
CA GLU C 271 20.27 -36.23 0.02
C GLU C 271 20.01 -37.66 -0.45
N ASP C 272 19.63 -38.56 0.47
CA ASP C 272 19.33 -39.94 0.10
C ASP C 272 17.98 -40.10 -0.59
N PHE C 273 17.18 -39.05 -0.67
CA PHE C 273 15.81 -39.13 -1.17
C PHE C 273 15.64 -38.29 -2.42
N GLN C 274 14.73 -38.72 -3.29
CA GLN C 274 14.53 -38.05 -4.57
C GLN C 274 13.08 -38.23 -4.99
N ILE C 275 12.35 -37.12 -5.11
CA ILE C 275 10.97 -37.13 -5.59
C ILE C 275 10.99 -36.99 -7.11
N GLU C 276 10.24 -37.86 -7.79
CA GLU C 276 10.23 -37.90 -9.25
C GLU C 276 8.82 -37.78 -9.77
N GLY C 277 8.64 -36.94 -10.79
CA GLY C 277 7.35 -36.79 -11.42
C GLY C 277 6.32 -36.04 -10.60
N TYR C 278 6.76 -35.13 -9.74
CA TYR C 278 5.85 -34.33 -8.93
C TYR C 278 5.47 -33.10 -9.75
N ASN C 279 4.26 -33.11 -10.30
CA ASN C 279 3.73 -32.02 -11.11
C ASN C 279 2.44 -31.51 -10.48
N PRO C 280 2.53 -30.80 -9.35
CA PRO C 280 1.32 -30.38 -8.64
C PRO C 280 0.69 -29.14 -9.28
N HIS C 281 -0.59 -28.95 -8.94
CA HIS C 281 -1.26 -27.70 -9.24
C HIS C 281 -0.64 -26.59 -8.40
N PRO C 282 -0.88 -25.32 -8.76
CA PRO C 282 -0.26 -24.21 -8.01
C PRO C 282 -0.61 -24.23 -6.54
N THR C 283 0.28 -23.62 -5.75
CA THR C 283 0.08 -23.48 -4.32
C THR C 283 -1.16 -22.66 -4.03
N ILE C 284 -1.93 -23.09 -3.02
CA ILE C 284 -3.10 -22.36 -2.54
C ILE C 284 -2.80 -21.87 -1.13
N LYS C 285 -2.81 -20.55 -0.96
CA LYS C 285 -2.46 -19.96 0.33
C LYS C 285 -3.55 -20.24 1.37
N MET C 286 -3.13 -20.75 2.52
CA MET C 286 -4.04 -21.07 3.62
C MET C 286 -3.37 -20.65 4.93
N GLU C 287 -3.89 -19.61 5.56
CA GLU C 287 -3.29 -19.07 6.77
C GLU C 287 -3.38 -20.07 7.92
N MET C 288 -2.34 -20.10 8.75
CA MET C 288 -2.32 -20.96 9.93
C MET C 288 -3.03 -20.29 11.09
N ALA C 289 -3.99 -21.00 11.69
CA ALA C 289 -4.64 -20.52 12.90
C ALA C 289 -3.68 -20.67 14.08
N VAL C 290 -3.42 -19.57 14.78
CA VAL C 290 -2.46 -19.57 15.88
C VAL C 290 -3.18 -19.64 17.22
N SER D 6 35.15 0.38 -31.80
CA SER D 6 34.20 0.39 -30.70
C SER D 6 34.13 -0.98 -30.04
N GLU D 7 33.90 -2.02 -30.85
CA GLU D 7 33.96 -3.39 -30.34
C GLU D 7 35.38 -3.78 -29.95
N LEU D 8 36.38 -3.06 -30.45
CA LEU D 8 37.76 -3.29 -30.05
C LEU D 8 38.02 -2.96 -28.59
N GLN D 9 37.15 -2.17 -27.96
CA GLN D 9 37.32 -1.88 -26.54
C GLN D 9 36.95 -3.09 -25.68
N TYR D 10 35.88 -3.80 -26.06
CA TYR D 10 35.55 -5.04 -25.34
C TYR D 10 36.65 -6.08 -25.54
N LEU D 11 37.16 -6.18 -26.76
CA LEU D 11 38.23 -7.14 -27.05
C LEU D 11 39.53 -6.74 -26.37
N GLY D 12 39.81 -5.44 -26.27
CA GLY D 12 40.97 -5.00 -25.53
C GLY D 12 40.88 -5.31 -24.05
N GLN D 13 39.68 -5.24 -23.48
CA GLN D 13 39.49 -5.62 -22.08
C GLN D 13 39.72 -7.12 -21.89
N ILE D 14 39.25 -7.94 -22.83
CA ILE D 14 39.48 -9.38 -22.77
C ILE D 14 40.98 -9.66 -22.81
N GLN D 15 41.69 -9.05 -23.76
CA GLN D 15 43.12 -9.28 -23.89
C GLN D 15 43.86 -8.86 -22.64
N HIS D 16 43.41 -7.78 -21.98
CA HIS D 16 44.10 -7.30 -20.78
C HIS D 16 43.92 -8.25 -19.61
N ILE D 17 42.73 -8.86 -19.48
CA ILE D 17 42.50 -9.76 -18.35
C ILE D 17 43.32 -11.04 -18.51
N LEU D 18 43.37 -11.60 -19.72
CA LEU D 18 44.17 -12.81 -19.94
C LEU D 18 45.65 -12.55 -19.72
N ARG D 19 46.12 -11.33 -20.00
CA ARG D 19 47.52 -11.02 -19.87
C ARG D 19 47.90 -10.56 -18.47
N CYS D 20 47.06 -9.73 -17.84
CA CYS D 20 47.40 -9.10 -16.58
C CYS D 20 46.48 -9.48 -15.43
N GLY D 21 45.47 -10.31 -15.67
CA GLY D 21 44.58 -10.70 -14.60
C GLY D 21 45.24 -11.62 -13.59
N VAL D 22 44.64 -11.69 -12.40
CA VAL D 22 45.12 -12.54 -11.34
C VAL D 22 44.11 -13.64 -11.08
N ARG D 23 44.60 -14.83 -10.73
CA ARG D 23 43.72 -15.92 -10.34
C ARG D 23 42.97 -15.55 -9.08
N LYS D 24 41.70 -15.96 -9.02
CA LYS D 24 40.84 -15.55 -7.91
C LYS D 24 39.66 -16.51 -7.84
N ASP D 25 39.46 -17.13 -6.68
CA ASP D 25 38.28 -17.97 -6.48
C ASP D 25 37.06 -17.10 -6.26
N ASP D 26 35.89 -17.73 -6.25
CA ASP D 26 34.66 -16.96 -6.16
C ASP D 26 33.55 -17.81 -5.55
N ARG D 27 32.33 -17.27 -5.61
CA ARG D 27 31.16 -17.92 -5.03
C ARG D 27 30.95 -19.33 -5.56
N THR D 28 31.42 -19.59 -6.78
CA THR D 28 31.30 -20.91 -7.39
C THR D 28 32.59 -21.69 -7.22
N GLY D 29 32.56 -22.96 -7.64
CA GLY D 29 33.76 -23.77 -7.62
C GLY D 29 34.74 -23.43 -8.73
N THR D 30 34.26 -22.87 -9.82
CA THR D 30 35.12 -22.44 -10.91
C THR D 30 36.02 -21.30 -10.45
N GLY D 31 37.22 -21.23 -11.03
CA GLY D 31 38.10 -20.10 -10.80
C GLY D 31 37.91 -19.00 -11.83
N THR D 32 38.61 -17.90 -11.62
CA THR D 32 38.55 -16.77 -12.54
C THR D 32 39.93 -16.13 -12.66
N LEU D 33 40.11 -15.39 -13.76
CA LEU D 33 41.13 -14.37 -13.88
C LEU D 33 40.43 -13.03 -13.73
N SER D 34 40.81 -12.27 -12.70
CA SER D 34 40.04 -11.10 -12.30
C SER D 34 40.86 -9.82 -12.40
N VAL D 35 40.16 -8.74 -12.72
CA VAL D 35 40.71 -7.38 -12.73
C VAL D 35 39.66 -6.46 -12.14
N PHE D 36 40.09 -5.55 -11.25
CA PHE D 36 39.18 -4.65 -10.56
C PHE D 36 39.32 -3.25 -11.13
N GLY D 37 38.21 -2.71 -11.66
CA GLY D 37 38.17 -1.35 -12.15
C GLY D 37 38.47 -1.20 -13.63
N MET D 38 37.43 -1.16 -14.46
CA MET D 38 37.58 -1.03 -15.90
C MET D 38 36.48 -0.12 -16.43
N GLN D 39 36.72 0.46 -17.61
CA GLN D 39 35.76 1.37 -18.22
C GLN D 39 35.92 1.37 -19.73
N ALA D 40 34.79 1.29 -20.44
CA ALA D 40 34.76 1.35 -21.89
C ALA D 40 33.61 2.22 -22.34
N ARG D 41 33.75 2.79 -23.54
CA ARG D 41 32.79 3.73 -24.09
C ARG D 41 32.34 3.23 -25.46
N TYR D 42 31.03 3.02 -25.62
CA TYR D 42 30.47 2.48 -26.86
C TYR D 42 29.56 3.54 -27.48
N SER D 43 29.86 3.89 -28.73
CA SER D 43 29.08 4.92 -29.42
C SER D 43 27.73 4.37 -29.84
N LEU D 44 26.67 5.11 -29.53
CA LEU D 44 25.31 4.76 -29.94
C LEU D 44 24.84 5.59 -31.13
N ARG D 45 25.74 6.33 -31.77
CA ARG D 45 25.37 7.27 -32.83
C ARG D 45 25.25 6.52 -34.15
N ASP D 46 24.00 6.35 -34.62
CA ASP D 46 23.70 5.69 -35.89
C ASP D 46 24.27 4.27 -35.94
N GLU D 47 24.36 3.63 -34.78
CA GLU D 47 24.79 2.23 -34.69
C GLU D 47 24.36 1.68 -33.35
N PHE D 48 24.28 0.35 -33.27
CA PHE D 48 23.87 -0.33 -32.05
C PHE D 48 24.93 -1.35 -31.66
N PRO D 49 25.49 -1.27 -30.45
CA PRO D 49 26.61 -2.16 -30.06
C PRO D 49 26.17 -3.58 -29.72
N LEU D 50 25.86 -4.34 -30.77
CA LEU D 50 25.57 -5.76 -30.67
C LEU D 50 26.79 -6.48 -31.23
N LEU D 51 27.50 -7.20 -30.36
CA LEU D 51 28.81 -7.72 -30.73
C LEU D 51 28.74 -8.62 -31.96
N THR D 52 29.74 -8.49 -32.82
CA THR D 52 29.80 -9.23 -34.08
C THR D 52 30.80 -10.37 -34.08
N THR D 53 31.78 -10.35 -33.18
CA THR D 53 32.73 -11.45 -33.09
C THR D 53 32.11 -12.74 -32.57
N LYS D 54 30.88 -12.69 -32.08
CA LYS D 54 30.10 -13.87 -31.72
C LYS D 54 28.64 -13.46 -31.63
N ARG D 55 27.75 -14.42 -31.80
CA ARG D 55 26.33 -14.13 -31.75
C ARG D 55 25.91 -13.76 -30.32
N VAL D 56 25.12 -12.70 -30.20
CA VAL D 56 24.56 -12.27 -28.93
C VAL D 56 23.06 -12.54 -28.94
N PHE D 57 22.55 -13.04 -27.82
CA PHE D 57 21.14 -13.42 -27.68
C PHE D 57 20.26 -12.17 -27.68
N TRP D 58 20.04 -11.64 -28.89
CA TRP D 58 19.27 -10.39 -29.01
C TRP D 58 17.83 -10.55 -28.51
N LYS D 59 17.20 -11.69 -28.82
CA LYS D 59 15.84 -11.91 -28.36
C LYS D 59 15.73 -11.85 -26.85
N GLY D 60 16.74 -12.38 -26.15
CA GLY D 60 16.75 -12.30 -24.70
C GLY D 60 17.00 -10.90 -24.19
N VAL D 61 17.81 -10.12 -24.91
CA VAL D 61 18.09 -8.74 -24.50
C VAL D 61 16.80 -7.92 -24.52
N LEU D 62 16.10 -7.95 -25.65
CA LEU D 62 14.88 -7.17 -25.79
C LEU D 62 13.79 -7.62 -24.82
N GLU D 63 13.59 -8.95 -24.72
CA GLU D 63 12.49 -9.45 -23.89
C GLU D 63 12.76 -9.22 -22.41
N GLU D 64 14.01 -9.32 -21.97
CA GLU D 64 14.31 -9.09 -20.56
C GLU D 64 14.14 -7.63 -20.17
N LEU D 65 14.46 -6.71 -21.08
CA LEU D 65 14.32 -5.30 -20.77
C LEU D 65 12.84 -4.92 -20.68
N LEU D 66 12.03 -5.38 -21.64
CA LEU D 66 10.58 -5.19 -21.52
C LEU D 66 10.05 -5.83 -20.25
N TRP D 67 10.67 -6.91 -19.81
CA TRP D 67 10.32 -7.55 -18.55
C TRP D 67 10.72 -6.68 -17.36
N PHE D 68 11.88 -6.02 -17.45
CA PHE D 68 12.29 -5.09 -16.40
C PHE D 68 11.35 -3.88 -16.34
N ILE D 69 11.04 -3.30 -17.50
CA ILE D 69 10.26 -2.07 -17.53
C ILE D 69 8.86 -2.27 -16.95
N LYS D 70 8.26 -3.43 -17.23
CA LYS D 70 6.95 -3.75 -16.66
C LYS D 70 6.99 -3.92 -15.14
N GLY D 71 8.18 -3.90 -14.53
CA GLY D 71 8.30 -4.10 -13.11
C GLY D 71 8.11 -5.52 -12.63
N SER D 72 8.09 -6.49 -13.54
CA SER D 72 7.81 -7.86 -13.16
C SER D 72 9.01 -8.50 -12.46
N THR D 73 8.70 -9.39 -11.52
CA THR D 73 9.71 -10.21 -10.84
C THR D 73 9.43 -11.70 -11.03
N ASN D 74 8.61 -12.05 -12.01
CA ASN D 74 8.17 -13.42 -12.25
C ASN D 74 9.03 -14.01 -13.36
N ALA D 75 9.94 -14.91 -13.00
CA ALA D 75 10.80 -15.55 -14.00
C ALA D 75 9.99 -16.36 -14.99
N LYS D 76 8.88 -16.95 -14.55
CA LYS D 76 8.04 -17.73 -15.46
C LYS D 76 7.38 -16.85 -16.51
N GLU D 77 7.13 -15.58 -16.18
CA GLU D 77 6.58 -14.65 -17.17
C GLU D 77 7.59 -14.35 -18.26
N LEU D 78 8.89 -14.33 -17.93
CA LEU D 78 9.92 -14.16 -18.94
C LEU D 78 10.19 -15.46 -19.67
N SER D 79 10.11 -16.60 -18.97
CA SER D 79 10.34 -17.89 -19.60
C SER D 79 9.26 -18.21 -20.63
N SER D 80 8.06 -17.64 -20.48
CA SER D 80 6.99 -17.89 -21.44
C SER D 80 7.26 -17.23 -22.79
N LYS D 81 8.08 -16.19 -22.83
CA LYS D 81 8.44 -15.52 -24.07
C LYS D 81 9.61 -16.19 -24.78
N GLY D 82 10.11 -17.31 -24.25
CA GLY D 82 11.22 -18.03 -24.84
C GLY D 82 12.58 -17.74 -24.24
N VAL D 83 12.64 -16.92 -23.20
CA VAL D 83 13.90 -16.51 -22.59
C VAL D 83 13.97 -17.15 -21.20
N LYS D 84 14.92 -18.07 -21.02
CA LYS D 84 15.01 -18.85 -19.79
C LYS D 84 16.26 -18.51 -18.98
N ILE D 85 16.78 -17.29 -19.14
CA ILE D 85 18.04 -16.93 -18.49
C ILE D 85 17.91 -16.83 -16.97
N TRP D 86 16.69 -16.71 -16.45
CA TRP D 86 16.49 -16.60 -15.01
C TRP D 86 15.83 -17.83 -14.38
N ASP D 87 15.45 -18.83 -15.19
CA ASP D 87 14.73 -19.99 -14.65
C ASP D 87 15.54 -20.73 -13.59
N ALA D 88 16.86 -20.74 -13.69
CA ALA D 88 17.67 -21.43 -12.70
C ALA D 88 17.53 -20.79 -11.32
N ASN D 89 17.47 -19.46 -11.26
CA ASN D 89 17.34 -18.75 -10.00
C ASN D 89 15.91 -18.65 -9.51
N GLY D 90 14.95 -19.25 -10.21
CA GLY D 90 13.57 -19.24 -9.76
C GLY D 90 13.02 -20.65 -9.62
N SER D 91 13.90 -21.64 -9.65
CA SER D 91 13.51 -23.04 -9.56
C SER D 91 13.17 -23.40 -8.12
N ARG D 92 12.13 -24.23 -7.96
CA ARG D 92 11.69 -24.65 -6.63
C ARG D 92 12.84 -25.12 -5.75
N ASP D 93 13.76 -25.91 -6.31
CA ASP D 93 14.87 -26.42 -5.52
C ASP D 93 15.87 -25.34 -5.14
N PHE D 94 15.82 -24.18 -5.80
CA PHE D 94 16.72 -23.08 -5.45
C PHE D 94 16.09 -22.14 -4.44
N LEU D 95 14.78 -21.90 -4.56
CA LEU D 95 14.06 -21.14 -3.55
C LEU D 95 14.08 -21.85 -2.21
N ASP D 96 13.90 -23.19 -2.21
CA ASP D 96 13.95 -23.95 -0.96
C ASP D 96 15.34 -23.86 -0.32
N SER D 97 16.40 -23.91 -1.15
CA SER D 97 17.75 -23.86 -0.62
C SER D 97 18.01 -22.54 0.11
N LEU D 98 17.48 -21.44 -0.41
CA LEU D 98 17.65 -20.13 0.20
C LEU D 98 16.55 -19.81 1.21
N GLY D 99 15.72 -20.78 1.57
CA GLY D 99 14.73 -20.59 2.61
C GLY D 99 13.42 -19.97 2.18
N PHE D 100 13.21 -19.77 0.88
CA PHE D 100 11.99 -19.14 0.38
C PHE D 100 10.92 -20.21 0.16
N SER D 101 10.50 -20.79 1.27
CA SER D 101 9.59 -21.93 1.20
C SER D 101 8.14 -21.53 0.98
N THR D 102 7.85 -20.24 0.88
CA THR D 102 6.49 -19.76 0.61
C THR D 102 6.34 -19.17 -0.78
N ARG D 103 7.44 -18.84 -1.45
CA ARG D 103 7.37 -18.26 -2.79
C ARG D 103 7.07 -19.36 -3.80
N GLU D 104 6.14 -19.08 -4.70
CA GLU D 104 5.87 -19.99 -5.80
C GLU D 104 7.05 -19.99 -6.77
N GLU D 105 7.22 -21.10 -7.49
CA GLU D 105 8.32 -21.23 -8.43
C GLU D 105 8.28 -20.10 -9.45
N GLY D 106 9.43 -19.45 -9.64
CA GLY D 106 9.53 -18.32 -10.53
C GLY D 106 9.40 -16.96 -9.88
N ASP D 107 9.47 -16.88 -8.55
CA ASP D 107 9.39 -15.62 -7.83
C ASP D 107 10.82 -15.28 -7.40
N LEU D 108 11.45 -14.35 -8.12
CA LEU D 108 12.82 -13.97 -7.84
C LEU D 108 12.96 -13.02 -6.65
N GLY D 109 11.86 -12.43 -6.20
CA GLY D 109 11.91 -11.46 -5.13
C GLY D 109 12.03 -10.05 -5.65
N PRO D 110 12.44 -9.12 -4.78
CA PRO D 110 12.59 -7.72 -5.21
C PRO D 110 13.84 -7.48 -6.04
N VAL D 111 13.73 -7.61 -7.36
CA VAL D 111 14.87 -7.51 -8.25
C VAL D 111 14.72 -6.29 -9.14
N TYR D 112 15.51 -6.24 -10.22
CA TYR D 112 15.62 -5.06 -11.08
C TYR D 112 14.29 -4.40 -11.39
N GLY D 113 13.32 -5.18 -11.86
CA GLY D 113 12.03 -4.62 -12.22
C GLY D 113 11.33 -3.97 -11.04
N PHE D 114 11.45 -4.57 -9.86
CA PHE D 114 10.81 -4.01 -8.67
C PHE D 114 11.55 -2.76 -8.19
N GLN D 115 12.88 -2.76 -8.27
CA GLN D 115 13.65 -1.61 -7.79
C GLN D 115 13.52 -0.42 -8.73
N TRP D 116 13.40 -0.67 -10.04
CA TRP D 116 13.27 0.43 -10.99
C TRP D 116 11.95 1.18 -10.82
N ARG D 117 10.90 0.49 -10.38
CA ARG D 117 9.56 1.03 -10.37
C ARG D 117 8.97 1.24 -8.98
N HIS D 118 9.48 0.57 -7.96
CA HIS D 118 8.86 0.63 -6.64
C HIS D 118 9.95 0.58 -5.57
N PHE D 119 10.98 1.41 -5.70
CA PHE D 119 12.06 1.41 -4.72
C PHE D 119 11.53 1.81 -3.35
N GLY D 120 11.77 0.96 -2.35
CA GLY D 120 11.33 1.19 -0.99
C GLY D 120 10.03 0.52 -0.61
N ALA D 121 9.21 0.16 -1.58
CA ALA D 121 7.95 -0.51 -1.28
C ALA D 121 8.20 -1.87 -0.64
N GLU D 122 7.26 -2.30 0.19
CA GLU D 122 7.34 -3.60 0.86
C GLU D 122 6.97 -4.69 -0.13
N TYR D 123 7.89 -5.63 -0.35
CA TYR D 123 7.69 -6.69 -1.32
C TYR D 123 6.80 -7.79 -0.75
N ARG D 124 5.74 -8.13 -1.47
CA ARG D 124 4.86 -9.23 -1.08
C ARG D 124 5.20 -10.49 -1.88
N ASP D 125 4.68 -10.59 -3.10
CA ASP D 125 4.96 -11.72 -3.96
C ASP D 125 5.01 -11.23 -5.41
N MET D 126 5.32 -12.15 -6.33
CA MET D 126 5.46 -11.81 -7.74
C MET D 126 4.14 -11.51 -8.42
N GLU D 127 3.01 -11.74 -7.75
CA GLU D 127 1.70 -11.51 -8.35
C GLU D 127 1.02 -10.26 -7.83
N SER D 128 1.65 -9.54 -6.90
CA SER D 128 1.06 -8.35 -6.32
C SER D 128 1.18 -7.16 -7.27
N ASP D 129 0.27 -6.20 -7.09
CA ASP D 129 0.29 -4.94 -7.84
C ASP D 129 0.76 -3.84 -6.91
N TYR D 130 1.93 -3.27 -7.20
CA TYR D 130 2.54 -2.24 -6.36
C TYR D 130 2.39 -0.84 -6.96
N SER D 131 1.43 -0.66 -7.87
CA SER D 131 1.25 0.64 -8.51
C SER D 131 0.92 1.70 -7.48
N GLY D 132 1.73 2.76 -7.45
CA GLY D 132 1.58 3.81 -6.47
C GLY D 132 2.39 3.64 -5.22
N GLN D 133 3.14 2.55 -5.08
CA GLN D 133 3.99 2.30 -3.92
C GLN D 133 5.44 2.40 -4.33
N GLY D 134 6.26 2.97 -3.44
CA GLY D 134 7.68 3.13 -3.71
C GLY D 134 7.96 4.24 -4.72
N VAL D 135 9.25 4.40 -5.01
CA VAL D 135 9.72 5.45 -5.91
C VAL D 135 9.86 4.87 -7.32
N ASP D 136 9.20 5.48 -8.29
CA ASP D 136 9.30 5.09 -9.69
C ASP D 136 10.52 5.79 -10.27
N GLN D 137 11.69 5.14 -10.14
CA GLN D 137 12.92 5.75 -10.60
C GLN D 137 12.95 5.92 -12.11
N LEU D 138 12.35 4.99 -12.85
CA LEU D 138 12.42 5.04 -14.31
C LEU D 138 11.66 6.24 -14.86
N GLN D 139 10.48 6.52 -14.32
CA GLN D 139 9.69 7.63 -14.83
C GLN D 139 10.25 8.98 -14.38
N ARG D 140 10.76 9.04 -13.15
CA ARG D 140 11.40 10.27 -12.67
C ARG D 140 12.65 10.59 -13.48
N VAL D 141 13.37 9.56 -13.92
CA VAL D 141 14.52 9.77 -14.81
C VAL D 141 14.06 10.35 -16.13
N ILE D 142 12.95 9.84 -16.67
CA ILE D 142 12.42 10.37 -17.93
C ILE D 142 11.89 11.79 -17.73
N ASP D 143 11.25 12.05 -16.59
CA ASP D 143 10.72 13.38 -16.33
C ASP D 143 11.84 14.41 -16.18
N THR D 144 12.90 14.07 -15.43
CA THR D 144 13.99 15.01 -15.23
C THR D 144 14.72 15.30 -16.54
N ILE D 145 14.81 14.32 -17.44
CA ILE D 145 15.44 14.57 -18.73
C ILE D 145 14.64 15.57 -19.55
N LYS D 146 13.32 15.46 -19.50
CA LYS D 146 12.48 16.35 -20.31
C LYS D 146 12.48 17.78 -19.77
N THR D 147 12.55 17.94 -18.45
CA THR D 147 12.41 19.26 -17.84
C THR D 147 13.73 19.90 -17.42
N ASN D 148 14.75 19.11 -17.14
CA ASN D 148 16.03 19.63 -16.65
C ASN D 148 17.16 18.75 -17.14
N PRO D 149 17.53 18.87 -18.42
CA PRO D 149 18.57 17.98 -18.96
C PRO D 149 19.93 18.20 -18.32
N ASP D 150 20.24 19.39 -17.83
CA ASP D 150 21.51 19.69 -17.20
C ASP D 150 21.63 19.11 -15.80
N ASP D 151 20.57 18.47 -15.28
CA ASP D 151 20.63 17.91 -13.94
C ASP D 151 21.69 16.82 -13.87
N ARG D 152 22.52 16.88 -12.83
CA ARG D 152 23.60 15.92 -12.64
C ARG D 152 23.23 14.82 -11.66
N ARG D 153 21.94 14.49 -11.56
CA ARG D 153 21.47 13.49 -10.62
C ARG D 153 20.50 12.50 -11.24
N ILE D 154 20.50 12.40 -12.57
CA ILE D 154 19.58 11.48 -13.24
C ILE D 154 20.13 10.07 -13.04
N ILE D 155 19.78 9.47 -11.90
CA ILE D 155 20.35 8.22 -11.46
C ILE D 155 19.24 7.23 -11.16
N MET D 156 19.42 5.99 -11.60
CA MET D 156 18.56 4.87 -11.26
C MET D 156 19.41 3.82 -10.56
N CYS D 157 19.10 3.56 -9.30
CA CYS D 157 19.89 2.65 -8.47
C CYS D 157 19.05 1.43 -8.10
N ALA D 158 19.61 0.24 -8.30
CA ALA D 158 18.96 -1.00 -7.92
C ALA D 158 19.52 -1.61 -6.65
N TRP D 159 20.58 -1.04 -6.10
CA TRP D 159 21.21 -1.58 -4.90
C TRP D 159 20.44 -1.10 -3.67
N ASN D 160 19.66 -1.98 -3.07
CA ASN D 160 18.90 -1.68 -1.85
C ASN D 160 19.37 -2.60 -0.75
N PRO D 161 20.22 -2.14 0.16
CA PRO D 161 20.70 -3.03 1.24
C PRO D 161 19.59 -3.63 2.07
N ARG D 162 18.43 -2.98 2.17
CA ARG D 162 17.32 -3.56 2.93
C ARG D 162 16.77 -4.81 2.25
N ASP D 163 16.59 -4.77 0.93
CA ASP D 163 15.98 -5.85 0.18
C ASP D 163 16.97 -6.90 -0.29
N LEU D 164 18.27 -6.73 -0.01
CA LEU D 164 19.26 -7.68 -0.49
C LEU D 164 19.02 -9.11 -0.01
N PRO D 165 18.74 -9.38 1.28
CA PRO D 165 18.56 -10.78 1.70
C PRO D 165 17.35 -11.46 1.05
N LEU D 166 16.41 -10.70 0.51
CA LEU D 166 15.21 -11.26 -0.09
C LEU D 166 15.37 -11.56 -1.58
N MET D 167 16.54 -11.29 -2.17
CA MET D 167 16.77 -11.49 -3.59
C MET D 167 17.49 -12.81 -3.81
N ALA D 168 17.11 -13.49 -4.90
CA ALA D 168 17.82 -14.72 -5.27
C ALA D 168 19.26 -14.41 -5.69
N LEU D 169 19.48 -13.28 -6.36
CA LEU D 169 20.80 -12.86 -6.78
C LEU D 169 20.82 -11.34 -6.65
N PRO D 170 21.80 -10.77 -5.93
CA PRO D 170 21.87 -9.33 -5.81
C PRO D 170 22.20 -8.69 -7.15
N PRO D 171 21.80 -7.44 -7.37
CA PRO D 171 21.98 -6.83 -8.71
C PRO D 171 23.44 -6.75 -9.11
N CYS D 172 23.69 -7.09 -10.38
CA CYS D 172 25.02 -6.90 -10.96
C CYS D 172 25.15 -5.52 -11.59
N HIS D 173 24.17 -5.10 -12.38
CA HIS D 173 24.13 -3.73 -12.88
C HIS D 173 23.35 -2.91 -11.84
N ALA D 174 24.11 -2.37 -10.87
CA ALA D 174 23.54 -1.82 -9.64
C ALA D 174 23.12 -0.37 -9.76
N LEU D 175 23.78 0.42 -10.60
CA LEU D 175 23.51 1.85 -10.67
C LEU D 175 23.81 2.34 -12.07
N CYS D 176 22.94 3.19 -12.60
CA CYS D 176 23.15 3.81 -13.90
C CYS D 176 22.80 5.29 -13.81
N GLN D 177 23.46 6.09 -14.65
CA GLN D 177 23.29 7.53 -14.66
C GLN D 177 23.18 8.01 -16.10
N PHE D 178 22.28 8.96 -16.32
CA PHE D 178 22.06 9.54 -17.64
C PHE D 178 22.58 10.98 -17.69
N TYR D 179 22.83 11.44 -18.91
CA TYR D 179 23.55 12.69 -19.15
C TYR D 179 23.12 13.22 -20.51
N VAL D 180 22.88 14.53 -20.59
CA VAL D 180 22.37 15.17 -21.79
C VAL D 180 23.27 16.35 -22.15
N VAL D 181 23.69 16.40 -23.41
CA VAL D 181 24.41 17.56 -23.94
C VAL D 181 24.29 17.53 -25.45
N ASN D 182 24.09 18.70 -26.04
CA ASN D 182 23.91 18.85 -27.49
C ASN D 182 22.81 17.92 -28.00
N SER D 183 21.76 17.75 -27.19
CA SER D 183 20.62 16.89 -27.52
C SER D 183 21.03 15.43 -27.71
N GLU D 184 22.12 15.02 -27.07
CA GLU D 184 22.55 13.62 -27.07
C GLU D 184 22.35 13.03 -25.69
N LEU D 185 21.71 11.86 -25.63
CA LEU D 185 21.48 11.15 -24.38
C LEU D 185 22.57 10.11 -24.19
N SER D 186 23.30 10.22 -23.09
CA SER D 186 24.33 9.25 -22.74
C SER D 186 23.93 8.56 -21.44
N CYS D 187 24.49 7.35 -21.25
CA CYS D 187 24.21 6.53 -20.09
C CYS D 187 25.49 5.87 -19.62
N GLN D 188 25.76 5.94 -18.33
CA GLN D 188 26.85 5.20 -17.72
C GLN D 188 26.28 4.18 -16.76
N LEU D 189 26.76 2.94 -16.87
CA LEU D 189 26.35 1.85 -15.99
C LEU D 189 27.50 1.47 -15.07
N TYR D 190 27.22 1.34 -13.78
CA TYR D 190 28.18 0.74 -12.86
C TYR D 190 27.77 -0.72 -12.62
N GLN D 191 28.62 -1.63 -13.05
CA GLN D 191 28.40 -3.07 -12.88
C GLN D 191 29.40 -3.59 -11.86
N ARG D 192 28.89 -4.11 -10.74
CA ARG D 192 29.76 -4.58 -9.67
C ARG D 192 30.52 -5.85 -10.06
N SER D 193 29.94 -6.66 -10.94
CA SER D 193 30.52 -7.96 -11.27
C SER D 193 30.25 -8.25 -12.75
N GLY D 194 31.32 -8.50 -13.50
CA GLY D 194 31.17 -8.72 -14.92
C GLY D 194 31.72 -10.03 -15.43
N ASP D 195 30.83 -10.95 -15.81
CA ASP D 195 31.20 -12.17 -16.52
C ASP D 195 31.57 -11.77 -17.94
N MET D 196 32.88 -11.62 -18.19
CA MET D 196 33.33 -11.05 -19.46
C MET D 196 32.97 -11.94 -20.65
N GLY D 197 32.84 -13.24 -20.42
CA GLY D 197 32.50 -14.15 -21.51
C GLY D 197 31.02 -14.19 -21.79
N LEU D 198 30.19 -14.22 -20.74
CA LEU D 198 28.78 -14.47 -20.87
C LEU D 198 27.93 -13.21 -20.66
N GLY D 199 27.96 -12.63 -19.47
CA GLY D 199 27.02 -11.56 -19.16
C GLY D 199 27.34 -10.24 -19.82
N VAL D 200 28.63 -9.87 -19.89
CA VAL D 200 28.99 -8.52 -20.32
C VAL D 200 28.48 -8.18 -21.71
N PRO D 201 28.65 -9.01 -22.74
CA PRO D 201 28.04 -8.67 -24.05
C PRO D 201 26.53 -8.52 -23.98
N PHE D 202 25.87 -9.28 -23.11
CA PHE D 202 24.43 -9.14 -22.92
C PHE D 202 24.09 -7.79 -22.28
N ASN D 203 24.81 -7.43 -21.22
CA ASN D 203 24.50 -6.20 -20.48
C ASN D 203 24.74 -4.96 -21.34
N ILE D 204 25.78 -4.99 -22.18
CA ILE D 204 26.06 -3.87 -23.08
C ILE D 204 24.86 -3.64 -24.01
N ALA D 205 24.34 -4.72 -24.61
CA ALA D 205 23.21 -4.60 -25.51
C ALA D 205 21.94 -4.18 -24.76
N SER D 206 21.82 -4.58 -23.50
CA SER D 206 20.63 -4.26 -22.71
C SER D 206 20.54 -2.77 -22.42
N TYR D 207 21.63 -2.18 -21.94
CA TYR D 207 21.61 -0.77 -21.57
C TYR D 207 21.77 0.17 -22.76
N ALA D 208 22.36 -0.30 -23.85
CA ALA D 208 22.28 0.47 -25.09
C ALA D 208 20.85 0.52 -25.60
N LEU D 209 20.10 -0.58 -25.43
CA LEU D 209 18.69 -0.59 -25.82
C LEU D 209 17.87 0.36 -24.95
N LEU D 210 18.12 0.37 -23.64
CA LEU D 210 17.39 1.26 -22.75
C LEU D 210 17.63 2.72 -23.11
N THR D 211 18.85 3.06 -23.51
CA THR D 211 19.15 4.43 -23.91
C THR D 211 18.40 4.81 -25.18
N TYR D 212 18.31 3.88 -26.14
CA TYR D 212 17.53 4.13 -27.35
C TYR D 212 16.07 4.35 -27.02
N MET D 213 15.54 3.59 -26.06
CA MET D 213 14.14 3.74 -25.68
C MET D 213 13.88 5.11 -25.05
N ILE D 214 14.75 5.53 -24.14
CA ILE D 214 14.55 6.80 -23.44
C ILE D 214 14.83 7.98 -24.37
N ALA D 215 15.83 7.85 -25.24
CA ALA D 215 16.09 8.89 -26.23
C ALA D 215 14.91 9.04 -27.20
N HIS D 216 14.25 7.93 -27.51
CA HIS D 216 13.07 8.00 -28.38
C HIS D 216 11.91 8.70 -27.69
N ILE D 217 11.75 8.46 -26.38
CA ILE D 217 10.65 9.05 -25.64
C ILE D 217 10.89 10.54 -25.41
N THR D 218 12.13 10.91 -25.06
CA THR D 218 12.47 12.27 -24.72
C THR D 218 12.84 13.13 -25.93
N GLY D 219 12.80 12.58 -27.14
CA GLY D 219 13.11 13.35 -28.32
C GLY D 219 14.58 13.67 -28.52
N LEU D 220 15.47 12.90 -27.92
CA LEU D 220 16.91 13.11 -28.02
C LEU D 220 17.53 12.06 -28.93
N LYS D 221 18.80 12.29 -29.29
CA LYS D 221 19.53 11.31 -30.07
C LYS D 221 20.45 10.48 -29.18
N PRO D 222 20.57 9.19 -29.44
CA PRO D 222 21.47 8.35 -28.63
C PRO D 222 22.91 8.81 -28.74
N GLY D 223 23.57 8.93 -27.59
CA GLY D 223 24.95 9.40 -27.55
C GLY D 223 25.95 8.28 -27.33
N ASP D 224 26.40 8.12 -26.09
CA ASP D 224 27.36 7.10 -25.72
C ASP D 224 26.82 6.23 -24.59
N PHE D 225 27.32 5.01 -24.51
CA PHE D 225 27.14 4.14 -23.36
C PHE D 225 28.51 3.91 -22.72
N ILE D 226 28.63 4.28 -21.45
CA ILE D 226 29.88 4.11 -20.71
C ILE D 226 29.70 2.92 -19.77
N HIS D 227 30.46 1.86 -20.01
CA HIS D 227 30.38 0.63 -19.23
C HIS D 227 31.51 0.65 -18.20
N THR D 228 31.15 0.78 -16.93
CA THR D 228 32.11 0.76 -15.82
C THR D 228 31.93 -0.53 -15.04
N LEU D 229 33.04 -1.22 -14.79
CA LEU D 229 33.03 -2.54 -14.17
C LEU D 229 33.77 -2.51 -12.83
N GLY D 230 33.22 -3.26 -11.87
CA GLY D 230 33.94 -3.54 -10.64
C GLY D 230 34.85 -4.76 -10.81
N ASP D 231 34.33 -5.95 -10.51
CA ASP D 231 35.07 -7.20 -10.70
C ASP D 231 34.84 -7.68 -12.13
N ALA D 232 35.78 -7.38 -13.01
CA ALA D 232 35.76 -7.91 -14.38
C ALA D 232 36.56 -9.20 -14.39
N HIS D 233 35.88 -10.32 -14.57
CA HIS D 233 36.52 -11.63 -14.42
C HIS D 233 36.22 -12.52 -15.62
N ILE D 234 37.20 -13.37 -15.93
CA ILE D 234 37.07 -14.39 -16.97
C ILE D 234 37.15 -15.73 -16.27
N TYR D 235 36.07 -16.51 -16.36
CA TYR D 235 36.07 -17.85 -15.79
C TYR D 235 37.09 -18.72 -16.52
N LEU D 236 37.64 -19.70 -15.80
CA LEU D 236 38.71 -20.52 -16.37
C LEU D 236 38.23 -21.30 -17.58
N ASN D 237 37.00 -21.81 -17.53
CA ASN D 237 36.44 -22.55 -18.67
C ASN D 237 36.05 -21.64 -19.83
N HIS D 238 36.28 -20.34 -19.73
CA HIS D 238 36.00 -19.41 -20.82
C HIS D 238 37.26 -18.92 -21.52
N ILE D 239 38.45 -19.28 -21.01
CA ILE D 239 39.70 -18.76 -21.55
C ILE D 239 39.83 -19.14 -23.02
N GLU D 240 39.63 -20.42 -23.34
CA GLU D 240 39.81 -20.89 -24.71
C GLU D 240 38.70 -20.41 -25.64
N PRO D 241 37.42 -20.43 -25.23
CA PRO D 241 36.40 -19.80 -26.09
C PRO D 241 36.69 -18.33 -26.38
N LEU D 242 37.26 -17.59 -25.43
CA LEU D 242 37.60 -16.20 -25.67
C LEU D 242 38.88 -16.04 -26.50
N LYS D 243 39.76 -17.03 -26.50
CA LYS D 243 40.93 -16.96 -27.36
C LYS D 243 40.53 -17.15 -28.82
N ILE D 244 39.54 -17.99 -29.08
CA ILE D 244 39.00 -18.12 -30.43
C ILE D 244 38.39 -16.80 -30.89
N GLN D 245 37.52 -16.21 -30.06
CA GLN D 245 36.89 -14.94 -30.41
C GLN D 245 37.91 -13.83 -30.62
N LEU D 246 38.99 -13.85 -29.84
CA LEU D 246 40.02 -12.82 -29.93
C LEU D 246 40.76 -12.84 -31.26
N GLN D 247 40.64 -13.91 -32.05
CA GLN D 247 41.28 -14.00 -33.35
C GLN D 247 40.37 -13.56 -34.48
N ARG D 248 39.08 -13.30 -34.21
CA ARG D 248 38.12 -12.94 -35.24
C ARG D 248 38.14 -11.43 -35.48
N GLU D 249 38.08 -11.04 -36.74
CA GLU D 249 38.08 -9.64 -37.11
C GLU D 249 36.69 -9.05 -36.90
N PRO D 250 36.54 -8.00 -36.09
CA PRO D 250 35.20 -7.43 -35.85
C PRO D 250 34.60 -6.86 -37.13
N ARG D 251 33.29 -7.02 -37.25
CA ARG D 251 32.51 -6.50 -38.37
C ARG D 251 31.69 -5.30 -37.93
N PRO D 252 31.23 -4.47 -38.87
CA PRO D 252 30.46 -3.29 -38.48
C PRO D 252 29.24 -3.64 -37.65
N PHE D 253 28.95 -2.78 -36.67
CA PHE D 253 27.79 -2.99 -35.81
C PHE D 253 26.51 -2.92 -36.64
N PRO D 254 25.46 -3.61 -36.20
CA PRO D 254 24.16 -3.46 -36.86
C PRO D 254 23.51 -2.11 -36.52
N LYS D 255 22.26 -1.92 -36.96
CA LYS D 255 21.51 -0.72 -36.61
C LYS D 255 20.17 -1.12 -36.01
N LEU D 256 19.65 -0.25 -35.16
CA LEU D 256 18.37 -0.46 -34.48
C LEU D 256 17.38 0.59 -34.96
N ARG D 257 16.22 0.12 -35.43
CA ARG D 257 15.14 1.01 -35.88
C ARG D 257 13.90 0.79 -35.02
N ILE D 258 13.34 1.87 -34.53
CA ILE D 258 12.06 1.83 -33.81
C ILE D 258 10.96 2.09 -34.83
N LEU D 259 9.98 1.19 -34.88
CA LEU D 259 9.04 1.17 -36.00
C LEU D 259 7.88 2.13 -35.84
N ARG D 260 7.57 2.58 -34.62
CA ARG D 260 6.45 3.50 -34.45
C ARG D 260 6.77 4.50 -33.35
N LYS D 261 6.13 5.66 -33.44
CA LYS D 261 6.32 6.70 -32.43
C LYS D 261 5.63 6.29 -31.14
N VAL D 262 6.40 6.18 -30.06
CA VAL D 262 5.91 5.75 -28.76
C VAL D 262 5.98 6.92 -27.79
N GLU D 263 4.93 7.06 -26.98
CA GLU D 263 4.80 8.20 -26.06
C GLU D 263 5.35 7.89 -24.68
N LYS D 264 5.00 6.73 -24.12
CA LYS D 264 5.42 6.33 -22.79
C LYS D 264 6.33 5.11 -22.88
N ILE D 265 7.17 4.95 -21.85
CA ILE D 265 8.10 3.83 -21.83
C ILE D 265 7.35 2.51 -21.71
N ASP D 266 6.16 2.53 -21.10
CA ASP D 266 5.39 1.30 -20.93
C ASP D 266 4.68 0.86 -22.21
N ASP D 267 4.57 1.74 -23.21
CA ASP D 267 3.86 1.39 -24.43
C ASP D 267 4.72 0.60 -25.41
N PHE D 268 6.00 0.42 -25.12
CA PHE D 268 6.88 -0.31 -26.04
C PHE D 268 6.49 -1.78 -26.10
N LYS D 269 6.40 -2.31 -27.32
CA LYS D 269 6.19 -3.72 -27.56
C LYS D 269 7.42 -4.30 -28.26
N ALA D 270 7.55 -5.62 -28.22
CA ALA D 270 8.71 -6.28 -28.81
C ALA D 270 8.73 -6.09 -30.32
N GLU D 271 7.57 -5.96 -30.96
CA GLU D 271 7.49 -5.79 -32.40
C GLU D 271 7.84 -4.38 -32.86
N ASP D 272 8.01 -3.43 -31.93
CA ASP D 272 8.39 -2.07 -32.28
C ASP D 272 9.85 -1.93 -32.68
N PHE D 273 10.65 -2.98 -32.56
CA PHE D 273 12.09 -2.90 -32.76
C PHE D 273 12.52 -3.77 -33.93
N GLN D 274 13.59 -3.35 -34.59
CA GLN D 274 14.07 -4.03 -35.79
C GLN D 274 15.58 -3.88 -35.87
N ILE D 275 16.30 -4.99 -35.82
CA ILE D 275 17.74 -5.02 -35.98
C ILE D 275 18.06 -5.17 -37.46
N GLU D 276 18.99 -4.34 -37.94
CA GLU D 276 19.33 -4.31 -39.36
C GLU D 276 20.83 -4.53 -39.53
N GLY D 277 21.19 -5.41 -40.46
CA GLY D 277 22.59 -5.61 -40.80
C GLY D 277 23.40 -6.34 -39.74
N TYR D 278 22.79 -7.23 -38.97
CA TYR D 278 23.50 -7.99 -37.95
C TYR D 278 24.06 -9.24 -38.59
N ASN D 279 25.38 -9.25 -38.84
CA ASN D 279 26.09 -10.36 -39.46
C ASN D 279 27.19 -10.83 -38.52
N PRO D 280 26.84 -11.52 -37.44
CA PRO D 280 27.84 -11.92 -36.46
C PRO D 280 28.61 -13.17 -36.88
N HIS D 281 29.76 -13.35 -36.26
CA HIS D 281 30.48 -14.60 -36.36
C HIS D 281 29.69 -15.69 -35.63
N PRO D 282 30.00 -16.97 -35.88
CA PRO D 282 29.22 -18.05 -35.24
C PRO D 282 29.24 -17.97 -33.72
N THR D 283 28.20 -18.55 -33.13
CA THR D 283 28.07 -18.63 -31.68
C THR D 283 29.24 -19.43 -31.10
N ILE D 284 29.77 -18.95 -29.97
CA ILE D 284 30.81 -19.64 -29.23
C ILE D 284 30.23 -20.07 -27.89
N LYS D 285 30.22 -21.38 -27.64
CA LYS D 285 29.61 -21.92 -26.43
C LYS D 285 30.43 -21.55 -25.21
N MET D 286 29.76 -20.99 -24.20
CA MET D 286 30.40 -20.60 -22.94
C MET D 286 29.46 -20.98 -21.80
N GLU D 287 29.83 -21.98 -21.02
CA GLU D 287 28.97 -22.48 -19.96
C GLU D 287 28.78 -21.43 -18.87
N MET D 288 27.59 -21.38 -18.30
CA MET D 288 27.30 -20.46 -17.21
C MET D 288 27.73 -21.07 -15.88
N ALA D 289 28.54 -20.33 -15.13
CA ALA D 289 28.91 -20.76 -13.78
C ALA D 289 27.72 -20.57 -12.84
N VAL D 290 27.32 -21.64 -12.18
CA VAL D 290 26.15 -21.62 -11.30
C VAL D 290 26.58 -21.50 -9.84
#